data_1Z5B
#
_entry.id   1Z5B
#
_cell.length_a   74.077
_cell.length_b   74.077
_cell.length_c   344.381
_cell.angle_alpha   90.00
_cell.angle_beta   90.00
_cell.angle_gamma   120.00
#
_symmetry.space_group_name_H-M   'P 32 1 2'
#
loop_
_entity.id
_entity.type
_entity.pdbx_description
1 polymer 'Type II DNA topoisomerase VI subunit B'
2 non-polymer 'MAGNESIUM ION'
3 non-polymer 'TETRAFLUOROALUMINATE ION'
4 non-polymer 'SULFATE ION'
5 non-polymer "ADENOSINE-5'-DIPHOSPHATE"
6 water water
#
_entity_poly.entity_id   1
_entity_poly.type   'polypeptide(L)'
_entity_poly.pdbx_seq_one_letter_code
;SAKEKFTSLSPAEFFKRNPELAGFPNPARALYQTVRELIENSLDATDVHGILPNIKITIDLIDDARQIYKVNVVDNGIGI
PPQEVPNAFGRVLYSSKYVNRQTRGMYGLGVKAAVLYSQMHQDKPIEIETSPVNSKRIYTFKLKIDINKNEPIIVERGSV
ENTRGFHGTSVAISIPGDWPKAKSRIYEYIKRTYIITPYAEFIFKDPEGNVTYYPRLTNKIPKPPQEVKPHPYGVDREEI
KILINNLKRDYTIKEFLVNEFQSIGDTTADKILELAGLKPNKKVKNLTEEEITRLVETFKKYEDFRSPSADSLSVIGEDL
IELGLKKIFNPDFAASITRKPKAYQGHPFIVEAGVAFGGSIPVGEEPIVLRYANKIPLIYDEKSDVIWKVVEELDWKRYG
IESDQYQMVVMVHLCSTKIPYKSAGKESIAEVEDIEKEIKNALMEVARKLKQYLSEKRKEQEAKKKLLA
;
_entity_poly.pdbx_strand_id   A,B
#
loop_
_chem_comp.id
_chem_comp.type
_chem_comp.name
_chem_comp.formula
ADP non-polymer ADENOSINE-5'-DIPHOSPHATE 'C10 H15 N5 O10 P2'
ALF non-polymer 'TETRAFLUOROALUMINATE ION' 'Al F4 -1'
MG non-polymer 'MAGNESIUM ION' 'Mg 2'
SO4 non-polymer 'SULFATE ION' 'O4 S -2'
#
# COMPACT_ATOMS: atom_id res chain seq x y z
N LYS A 3 24.28 19.18 -0.09
CA LYS A 3 23.20 20.01 -0.76
C LYS A 3 22.07 19.13 -1.29
N GLU A 4 20.83 19.51 -0.95
CA GLU A 4 19.64 18.82 -1.48
C GLU A 4 19.45 19.12 -2.96
N LYS A 5 19.21 18.09 -3.75
CA LYS A 5 18.94 18.24 -5.19
C LYS A 5 17.55 17.71 -5.49
N PHE A 6 16.69 18.57 -6.05
CA PHE A 6 15.29 18.23 -6.28
C PHE A 6 15.06 17.65 -7.67
N THR A 7 14.41 16.50 -7.74
CA THR A 7 14.14 15.88 -9.04
C THR A 7 12.72 15.27 -9.06
N SER A 8 12.27 14.93 -10.26
CA SER A 8 10.97 14.32 -10.46
C SER A 8 11.10 12.86 -10.88
N LEU A 9 10.05 12.08 -10.62
CA LEU A 9 9.95 10.73 -11.16
C LEU A 9 8.76 10.63 -12.07
N SER A 10 8.90 9.85 -13.14
CA SER A 10 7.74 9.30 -13.85
C SER A 10 7.05 8.23 -13.00
N PRO A 11 5.78 7.94 -13.30
CA PRO A 11 5.06 6.85 -12.62
C PRO A 11 5.78 5.50 -12.75
N ALA A 12 6.38 5.23 -13.91
CA ALA A 12 7.15 3.99 -14.11
C ALA A 12 8.38 3.92 -13.21
N GLU A 13 9.14 5.01 -13.14
CA GLU A 13 10.29 5.09 -12.24
C GLU A 13 9.87 4.89 -10.79
N PHE A 14 8.71 5.45 -10.42
CA PHE A 14 8.20 5.32 -9.06
C PHE A 14 7.96 3.86 -8.66
N PHE A 15 7.31 3.10 -9.54
CA PHE A 15 7.07 1.69 -9.25
C PHE A 15 8.27 0.80 -9.53
N LYS A 16 9.15 1.19 -10.46
CA LYS A 16 10.43 0.47 -10.61
C LYS A 16 11.30 0.57 -9.35
N ARG A 17 11.36 1.76 -8.77
CA ARG A 17 12.13 1.95 -7.54
C ARG A 17 11.49 1.24 -6.36
N ASN A 18 10.16 1.14 -6.36
CA ASN A 18 9.42 0.61 -5.22
C ASN A 18 8.40 -0.49 -5.59
N PRO A 19 8.86 -1.60 -6.16
CA PRO A 19 7.93 -2.61 -6.69
C PRO A 19 7.10 -3.29 -5.61
N GLU A 20 7.60 -3.24 -4.37
CA GLU A 20 6.85 -3.75 -3.22
C GLU A 20 5.48 -3.04 -3.06
N LEU A 21 5.37 -1.81 -3.57
CA LEU A 21 4.13 -1.03 -3.46
C LEU A 21 3.01 -1.59 -4.35
N ALA A 22 3.41 -2.32 -5.38
CA ALA A 22 2.48 -2.90 -6.33
C ALA A 22 2.33 -4.41 -6.12
N GLY A 23 2.92 -4.93 -5.03
CA GLY A 23 2.81 -6.34 -4.70
C GLY A 23 3.88 -7.21 -5.34
N PHE A 24 5.03 -6.61 -5.60
CA PHE A 24 6.19 -7.33 -6.10
C PHE A 24 7.43 -7.22 -5.18
N PRO A 25 7.32 -7.66 -3.92
CA PRO A 25 8.43 -7.57 -2.95
C PRO A 25 9.46 -8.70 -2.99
N ASN A 26 9.07 -9.86 -3.52
CA ASN A 26 9.92 -11.05 -3.55
C ASN A 26 9.40 -11.96 -4.68
N PRO A 27 10.21 -12.92 -5.14
CA PRO A 27 9.82 -13.75 -6.29
C PRO A 27 8.60 -14.65 -6.07
N ALA A 28 8.36 -15.13 -4.84
CA ALA A 28 7.14 -15.91 -4.56
C ALA A 28 5.87 -15.07 -4.71
N ARG A 29 5.87 -13.91 -4.07
CA ARG A 29 4.71 -13.04 -4.12
C ARG A 29 4.54 -12.48 -5.53
N ALA A 30 5.67 -12.21 -6.19
CA ALA A 30 5.67 -11.69 -7.56
C ALA A 30 5.03 -12.68 -8.55
N LEU A 31 5.36 -13.96 -8.39
CA LEU A 31 4.81 -14.98 -9.28
C LEU A 31 3.30 -15.05 -9.07
N TYR A 32 2.90 -15.12 -7.80
CA TYR A 32 1.49 -15.08 -7.42
C TYR A 32 0.82 -13.84 -8.00
N GLN A 33 1.44 -12.67 -7.82
CA GLN A 33 0.82 -11.39 -8.21
C GLN A 33 0.60 -11.33 -9.70
N THR A 34 1.59 -11.80 -10.46
CA THR A 34 1.52 -11.78 -11.91
C THR A 34 0.36 -12.65 -12.39
N VAL A 35 0.24 -13.86 -11.83
CA VAL A 35 -0.87 -14.77 -12.15
C VAL A 35 -2.23 -14.09 -11.88
N ARG A 36 -2.40 -13.55 -10.67
CA ARG A 36 -3.70 -12.97 -10.35
C ARG A 36 -4.02 -11.69 -11.11
N GLU A 37 -3.00 -10.84 -11.34
CA GLU A 37 -3.22 -9.63 -12.15
C GLU A 37 -3.70 -10.00 -13.55
N LEU A 38 -3.09 -11.00 -14.17
CA LEU A 38 -3.52 -11.45 -15.49
C LEU A 38 -4.92 -12.07 -15.51
N ILE A 39 -5.23 -12.90 -14.50
CA ILE A 39 -6.57 -13.51 -14.39
C ILE A 39 -7.66 -12.44 -14.19
N GLU A 40 -7.38 -11.47 -13.33
CA GLU A 40 -8.31 -10.39 -13.08
C GLU A 40 -8.56 -9.57 -14.35
N ASN A 41 -7.50 -9.33 -15.13
CA ASN A 41 -7.70 -8.66 -16.43
C ASN A 41 -8.56 -9.46 -17.39
N SER A 42 -8.32 -10.75 -17.43
CA SER A 42 -9.06 -11.66 -18.32
C SER A 42 -10.53 -11.76 -17.92
N LEU A 43 -10.81 -11.78 -16.63
CA LEU A 43 -12.20 -11.79 -16.13
C LEU A 43 -12.94 -10.49 -16.39
N ASP A 44 -12.25 -9.37 -16.17
CA ASP A 44 -12.85 -8.07 -16.50
C ASP A 44 -13.13 -7.92 -17.98
N ALA A 45 -12.33 -8.60 -18.80
CA ALA A 45 -12.49 -8.56 -20.25
C ALA A 45 -13.58 -9.53 -20.77
N THR A 46 -14.10 -10.37 -19.88
CA THR A 46 -15.14 -11.34 -20.27
C THR A 46 -16.48 -11.05 -19.61
N ASP A 47 -16.59 -11.30 -18.30
CA ASP A 47 -17.90 -11.20 -17.66
C ASP A 47 -18.48 -9.79 -17.57
N VAL A 48 -17.62 -8.79 -17.53
CA VAL A 48 -18.08 -7.40 -17.62
C VAL A 48 -18.81 -7.13 -18.95
N HIS A 49 -18.57 -7.99 -19.93
CA HIS A 49 -19.16 -7.84 -21.25
C HIS A 49 -20.10 -8.99 -21.62
N GLY A 50 -20.54 -9.74 -20.62
CA GLY A 50 -21.56 -10.76 -20.81
C GLY A 50 -21.03 -12.04 -21.40
N ILE A 51 -19.70 -12.18 -21.44
CA ILE A 51 -19.08 -13.38 -22.00
C ILE A 51 -18.77 -14.40 -20.91
N LEU A 52 -19.21 -15.64 -21.10
CA LEU A 52 -18.84 -16.75 -20.21
C LEU A 52 -17.34 -16.99 -20.35
N PRO A 53 -16.59 -16.72 -19.28
CA PRO A 53 -15.11 -16.75 -19.34
C PRO A 53 -14.56 -18.16 -19.49
N ASN A 54 -13.60 -18.31 -20.40
CA ASN A 54 -12.80 -19.52 -20.55
C ASN A 54 -11.36 -19.09 -20.42
N ILE A 55 -10.76 -19.38 -19.28
CA ILE A 55 -9.42 -18.86 -19.00
C ILE A 55 -8.39 -19.96 -18.89
N LYS A 56 -7.26 -19.75 -19.55
CA LYS A 56 -6.19 -20.74 -19.57
C LYS A 56 -4.96 -20.11 -18.95
N ILE A 57 -4.43 -20.74 -17.93
CA ILE A 57 -3.24 -20.25 -17.23
C ILE A 57 -2.13 -21.29 -17.31
N THR A 58 -0.98 -20.92 -17.84
CA THR A 58 0.18 -21.79 -17.74
C THR A 58 1.36 -21.10 -17.09
N ILE A 59 2.10 -21.85 -16.27
CA ILE A 59 3.37 -21.37 -15.72
C ILE A 59 4.46 -22.38 -16.03
N ASP A 60 5.48 -21.93 -16.74
CA ASP A 60 6.57 -22.80 -17.16
C ASP A 60 7.85 -22.30 -16.48
N LEU A 61 8.65 -23.24 -15.97
CA LEU A 61 10.01 -22.93 -15.55
C LEU A 61 10.86 -22.85 -16.81
N ILE A 62 11.33 -21.64 -17.14
CA ILE A 62 12.17 -21.40 -18.32
C ILE A 62 13.65 -21.64 -18.02
N ASP A 63 14.08 -21.23 -16.84
CA ASP A 63 15.48 -21.30 -16.44
C ASP A 63 15.60 -21.70 -14.98
N ASP A 64 16.03 -22.93 -14.74
CA ASP A 64 16.09 -23.49 -13.38
C ASP A 64 17.08 -22.71 -12.50
N ALA A 65 18.29 -22.53 -13.02
CA ALA A 65 19.36 -21.83 -12.29
C ALA A 65 18.96 -20.40 -11.90
N ARG A 66 18.43 -19.64 -12.85
CA ARG A 66 18.01 -18.25 -12.60
C ARG A 66 16.61 -18.11 -11.98
N GLN A 67 15.89 -19.23 -11.88
CA GLN A 67 14.49 -19.26 -11.43
C GLN A 67 13.60 -18.24 -12.18
N ILE A 68 13.69 -18.27 -13.52
CA ILE A 68 12.80 -17.49 -14.37
C ILE A 68 11.65 -18.36 -14.85
N TYR A 69 10.44 -17.84 -14.66
CA TYR A 69 9.22 -18.50 -15.08
C TYR A 69 8.51 -17.66 -16.13
N LYS A 70 7.83 -18.32 -17.05
CA LYS A 70 6.98 -17.65 -18.02
C LYS A 70 5.51 -17.91 -17.67
N VAL A 71 4.79 -16.84 -17.34
CA VAL A 71 3.38 -16.92 -17.05
C VAL A 71 2.61 -16.54 -18.30
N ASN A 72 1.72 -17.43 -18.75
CA ASN A 72 0.88 -17.15 -19.92
C ASN A 72 -0.60 -17.32 -19.54
N VAL A 73 -1.38 -16.25 -19.72
CA VAL A 73 -2.83 -16.30 -19.48
C VAL A 73 -3.54 -15.96 -20.79
N VAL A 74 -4.44 -16.84 -21.18
CA VAL A 74 -5.18 -16.71 -22.43
C VAL A 74 -6.66 -16.68 -22.10
N ASP A 75 -7.38 -15.76 -22.75
CA ASP A 75 -8.80 -15.61 -22.48
C ASP A 75 -9.61 -15.46 -23.76
N ASN A 76 -10.92 -15.58 -23.61
CA ASN A 76 -11.86 -15.36 -24.71
C ASN A 76 -12.60 -14.03 -24.51
N GLY A 77 -11.85 -12.99 -24.11
CA GLY A 77 -12.41 -11.67 -23.83
C GLY A 77 -12.63 -10.80 -25.05
N ILE A 78 -12.95 -9.53 -24.82
CA ILE A 78 -13.25 -8.59 -25.92
C ILE A 78 -12.00 -8.16 -26.68
N GLY A 79 -10.84 -8.61 -26.21
CA GLY A 79 -9.59 -8.18 -26.82
C GLY A 79 -9.27 -6.71 -26.56
N ILE A 80 -8.21 -6.21 -27.20
CA ILE A 80 -7.78 -4.82 -27.09
C ILE A 80 -7.50 -4.28 -28.49
N PRO A 81 -8.04 -3.10 -28.80
CA PRO A 81 -7.74 -2.46 -30.10
C PRO A 81 -6.23 -2.28 -30.24
N PRO A 82 -5.68 -2.69 -31.38
CA PRO A 82 -4.22 -2.70 -31.54
C PRO A 82 -3.58 -1.34 -31.23
N GLN A 83 -4.27 -0.24 -31.53
CA GLN A 83 -3.73 1.08 -31.24
C GLN A 83 -3.59 1.34 -29.74
N GLU A 84 -4.35 0.60 -28.93
CA GLU A 84 -4.30 0.82 -27.48
C GLU A 84 -3.31 -0.13 -26.78
N VAL A 85 -2.90 -1.19 -27.46
CA VAL A 85 -2.06 -2.21 -26.83
C VAL A 85 -0.75 -1.66 -26.22
N PRO A 86 0.01 -0.86 -26.95
CA PRO A 86 1.28 -0.37 -26.37
C PRO A 86 1.11 0.38 -25.04
N ASN A 87 0.17 1.32 -24.95
CA ASN A 87 -0.09 2.03 -23.68
C ASN A 87 -0.78 1.16 -22.62
N ALA A 88 -1.64 0.23 -23.04
CA ALA A 88 -2.33 -0.65 -22.09
C ALA A 88 -1.34 -1.48 -21.28
N PHE A 89 -0.30 -1.97 -21.95
CA PHE A 89 0.67 -2.84 -21.28
C PHE A 89 1.99 -2.13 -20.97
N GLY A 90 2.17 -0.92 -21.51
CA GLY A 90 3.47 -0.27 -21.41
C GLY A 90 3.50 1.18 -20.94
N ARG A 91 2.38 1.69 -20.42
CA ARG A 91 2.32 3.04 -19.88
C ARG A 91 1.66 2.98 -18.51
N VAL A 92 2.42 3.28 -17.46
CA VAL A 92 1.90 3.20 -16.09
C VAL A 92 0.82 4.28 -15.88
N LEU A 93 -0.26 3.90 -15.19
CA LEU A 93 -1.45 4.74 -14.99
C LEU A 93 -2.21 4.95 -16.29
N TYR A 94 -2.55 3.83 -16.94
CA TYR A 94 -3.33 3.83 -18.16
C TYR A 94 -4.27 2.68 -18.08
N SER A 95 -5.56 2.97 -18.24
CA SER A 95 -6.60 2.00 -17.89
C SER A 95 -7.91 2.31 -18.62
N SER A 96 -8.77 1.30 -18.78
CA SER A 96 -10.15 1.53 -19.19
C SER A 96 -11.14 1.44 -18.01
N LYS A 97 -10.58 1.42 -16.80
CA LYS A 97 -11.35 1.12 -15.60
C LYS A 97 -11.37 2.30 -14.62
N TYR A 98 -11.04 3.49 -15.10
CA TYR A 98 -11.15 4.70 -14.29
C TYR A 98 -12.58 5.24 -14.28
N VAL A 99 -13.42 4.72 -15.16
CA VAL A 99 -14.85 5.02 -15.10
C VAL A 99 -15.48 4.43 -13.83
N ASN A 100 -16.54 5.09 -13.36
CA ASN A 100 -17.27 4.69 -12.17
C ASN A 100 -18.14 3.41 -12.37
N ARG A 101 -17.55 2.24 -12.10
CA ARG A 101 -18.15 0.96 -12.47
C ARG A 101 -17.38 -0.13 -11.71
N GLN A 102 -18.08 -1.16 -11.25
CA GLN A 102 -17.43 -2.26 -10.52
C GLN A 102 -16.65 -3.17 -11.46
N THR A 103 -15.32 -3.12 -11.36
CA THR A 103 -14.46 -4.07 -12.03
C THR A 103 -13.42 -4.49 -11.03
N ARG A 104 -12.75 -5.60 -11.33
CA ARG A 104 -11.66 -6.06 -10.50
C ARG A 104 -10.50 -5.06 -10.57
N GLY A 105 -10.15 -4.62 -11.78
CA GLY A 105 -9.09 -3.64 -11.96
C GLY A 105 -9.54 -2.22 -11.67
N MET A 106 -8.59 -1.36 -11.31
CA MET A 106 -8.94 -0.01 -10.89
C MET A 106 -7.80 1.01 -11.01
N TYR A 107 -6.55 0.54 -11.02
CA TYR A 107 -5.40 1.47 -10.89
C TYR A 107 -4.75 1.80 -12.21
N GLY A 108 -4.86 0.90 -13.20
CA GLY A 108 -4.12 1.08 -14.45
C GLY A 108 -2.64 0.83 -14.26
N LEU A 109 -2.33 -0.06 -13.33
CA LEU A 109 -0.96 -0.33 -12.89
C LEU A 109 -0.53 -1.80 -13.06
N GLY A 110 -1.42 -2.73 -12.71
CA GLY A 110 -1.04 -4.12 -12.44
C GLY A 110 -0.14 -4.80 -13.47
N VAL A 111 -0.55 -4.81 -14.73
CA VAL A 111 0.24 -5.52 -15.74
C VAL A 111 1.54 -4.80 -16.04
N LYS A 112 1.54 -3.46 -15.97
CA LYS A 112 2.80 -2.72 -16.11
C LYS A 112 3.77 -3.03 -14.97
N ALA A 113 3.26 -3.21 -13.76
CA ALA A 113 4.12 -3.53 -12.64
C ALA A 113 4.79 -4.88 -12.89
N ALA A 114 4.06 -5.84 -13.46
CA ALA A 114 4.64 -7.13 -13.80
C ALA A 114 5.72 -6.98 -14.88
N VAL A 115 5.44 -6.12 -15.86
CA VAL A 115 6.39 -5.78 -16.93
C VAL A 115 7.67 -5.15 -16.35
N LEU A 116 7.51 -4.18 -15.44
CA LEU A 116 8.68 -3.58 -14.80
C LEU A 116 9.51 -4.59 -14.04
N TYR A 117 8.86 -5.42 -13.23
CA TYR A 117 9.53 -6.51 -12.53
C TYR A 117 10.27 -7.42 -13.52
N SER A 118 9.62 -7.74 -14.64
CA SER A 118 10.22 -8.53 -15.70
C SER A 118 11.54 -7.93 -16.24
N GLN A 119 11.51 -6.65 -16.58
CA GLN A 119 12.67 -5.94 -17.15
C GLN A 119 13.78 -5.79 -16.13
N MET A 120 13.41 -5.71 -14.86
CA MET A 120 14.39 -5.48 -13.81
C MET A 120 15.28 -6.70 -13.64
N HIS A 121 14.78 -7.88 -14.03
CA HIS A 121 15.47 -9.13 -13.71
C HIS A 121 15.82 -10.06 -14.87
N GLN A 122 15.21 -9.84 -16.04
CA GLN A 122 15.60 -10.60 -17.22
C GLN A 122 15.40 -9.76 -18.48
N ASP A 123 15.67 -10.32 -19.66
CA ASP A 123 15.78 -9.50 -20.86
C ASP A 123 14.80 -9.83 -22.02
N LYS A 124 13.90 -10.77 -21.79
CA LYS A 124 12.86 -11.06 -22.79
C LYS A 124 11.63 -10.16 -22.63
N PRO A 125 11.19 -9.56 -23.73
CA PRO A 125 10.03 -8.67 -23.72
C PRO A 125 8.74 -9.44 -23.46
N ILE A 126 7.72 -8.72 -23.00
CA ILE A 126 6.38 -9.29 -22.82
C ILE A 126 5.72 -9.53 -24.17
N GLU A 127 4.97 -10.61 -24.27
CA GLU A 127 4.35 -11.01 -25.53
C GLU A 127 2.83 -10.92 -25.43
N ILE A 128 2.25 -10.12 -26.31
CA ILE A 128 0.80 -9.94 -26.38
C ILE A 128 0.29 -10.42 -27.73
N GLU A 129 -0.75 -11.25 -27.70
CA GLU A 129 -1.56 -11.50 -28.91
C GLU A 129 -3.03 -11.16 -28.62
N THR A 130 -3.66 -10.40 -29.50
CA THR A 130 -5.02 -9.97 -29.25
C THR A 130 -5.88 -9.82 -30.50
N SER A 131 -7.14 -10.19 -30.36
CA SER A 131 -8.09 -9.96 -31.43
C SER A 131 -9.40 -9.45 -30.86
N PRO A 132 -9.75 -8.19 -31.17
CA PRO A 132 -11.05 -7.66 -30.78
C PRO A 132 -12.18 -8.48 -31.41
N VAL A 133 -13.36 -8.37 -30.83
CA VAL A 133 -14.56 -9.03 -31.37
C VAL A 133 -14.76 -8.56 -32.81
N ASN A 134 -15.03 -9.50 -33.71
CA ASN A 134 -15.25 -9.21 -35.14
C ASN A 134 -14.00 -8.73 -35.91
N SER A 135 -12.83 -8.81 -35.27
CA SER A 135 -11.59 -8.42 -35.93
C SER A 135 -11.17 -9.43 -37.00
N LYS A 136 -10.73 -8.91 -38.13
CA LYS A 136 -10.24 -9.76 -39.22
C LYS A 136 -8.80 -10.26 -38.99
N ARG A 137 -8.12 -9.70 -37.99
CA ARG A 137 -6.71 -10.03 -37.72
C ARG A 137 -6.47 -10.40 -36.25
N ILE A 138 -5.43 -11.20 -36.01
CA ILE A 138 -4.85 -11.33 -34.68
C ILE A 138 -3.57 -10.48 -34.67
N TYR A 139 -3.55 -9.50 -33.76
CA TYR A 139 -2.42 -8.58 -33.61
C TYR A 139 -1.45 -9.08 -32.56
N THR A 140 -0.16 -9.08 -32.91
CA THR A 140 0.90 -9.50 -32.00
C THR A 140 1.86 -8.35 -31.70
N PHE A 141 2.41 -8.36 -30.50
CA PHE A 141 3.30 -7.30 -30.00
C PHE A 141 4.34 -7.92 -29.08
N LYS A 142 5.56 -7.42 -29.17
CA LYS A 142 6.56 -7.61 -28.11
C LYS A 142 6.93 -6.23 -27.56
N LEU A 143 6.88 -6.08 -26.24
CA LEU A 143 6.95 -4.75 -25.63
C LEU A 143 7.91 -4.67 -24.46
N LYS A 144 8.44 -3.47 -24.26
CA LYS A 144 9.12 -3.06 -23.03
C LYS A 144 8.60 -1.68 -22.64
N ILE A 145 9.01 -1.21 -21.47
CA ILE A 145 8.65 0.12 -21.01
C ILE A 145 9.91 0.94 -20.93
N ASP A 146 9.88 2.13 -21.53
CA ASP A 146 10.88 3.14 -21.27
C ASP A 146 10.55 3.77 -19.91
N ILE A 147 11.27 3.37 -18.87
CA ILE A 147 10.88 3.75 -17.52
C ILE A 147 11.00 5.25 -17.26
N ASN A 148 12.07 5.86 -17.78
CA ASN A 148 12.23 7.32 -17.68
C ASN A 148 11.06 8.09 -18.27
N LYS A 149 10.62 7.66 -19.46
CA LYS A 149 9.58 8.37 -20.19
C LYS A 149 8.18 7.89 -19.81
N ASN A 150 8.12 6.80 -19.05
CA ASN A 150 6.87 6.09 -18.86
C ASN A 150 6.10 5.95 -20.19
N GLU A 151 6.77 5.39 -21.19
CA GLU A 151 6.09 5.05 -22.45
C GLU A 151 6.53 3.70 -22.98
N PRO A 152 5.67 3.05 -23.77
CA PRO A 152 6.00 1.74 -24.34
C PRO A 152 7.11 1.81 -25.38
N ILE A 153 7.91 0.75 -25.42
CA ILE A 153 8.82 0.49 -26.53
C ILE A 153 8.26 -0.70 -27.28
N ILE A 154 7.93 -0.49 -28.55
CA ILE A 154 7.48 -1.60 -29.38
C ILE A 154 8.69 -2.29 -29.99
N VAL A 155 9.07 -3.44 -29.41
CA VAL A 155 10.20 -4.20 -29.88
C VAL A 155 9.86 -4.88 -31.21
N GLU A 156 8.62 -5.36 -31.30
CA GLU A 156 8.14 -6.09 -32.46
C GLU A 156 6.63 -5.92 -32.53
N ARG A 157 6.10 -5.81 -33.74
CA ARG A 157 4.67 -5.96 -33.93
C ARG A 157 4.35 -6.61 -35.26
N GLY A 158 3.29 -7.41 -35.26
CA GLY A 158 2.85 -8.09 -36.44
C GLY A 158 1.37 -8.32 -36.42
N SER A 159 0.89 -8.98 -37.46
CA SER A 159 -0.50 -9.29 -37.62
C SER A 159 -0.59 -10.57 -38.43
N VAL A 160 -1.63 -11.35 -38.15
CA VAL A 160 -1.90 -12.57 -38.88
C VAL A 160 -3.39 -12.64 -39.20
N GLU A 161 -3.76 -13.34 -40.26
CA GLU A 161 -5.18 -13.50 -40.62
C GLU A 161 -5.95 -14.27 -39.53
N ASN A 162 -7.10 -13.72 -39.11
CA ASN A 162 -7.95 -14.35 -38.09
C ASN A 162 -8.95 -15.30 -38.73
N THR A 163 -8.48 -16.47 -39.15
CA THR A 163 -9.27 -17.35 -40.02
C THR A 163 -10.25 -18.20 -39.24
N ARG A 164 -10.15 -18.13 -37.91
CA ARG A 164 -11.06 -18.86 -37.06
C ARG A 164 -11.99 -17.95 -36.25
N GLY A 165 -12.00 -16.65 -36.56
CA GLY A 165 -12.85 -15.67 -35.88
C GLY A 165 -12.68 -15.60 -34.37
N PHE A 166 -11.49 -15.98 -33.90
CA PHE A 166 -11.08 -15.89 -32.50
C PHE A 166 -11.22 -14.47 -31.98
N HIS A 167 -11.69 -14.35 -30.74
CA HIS A 167 -11.55 -13.10 -29.99
C HIS A 167 -10.96 -13.35 -28.62
N GLY A 168 -10.12 -12.42 -28.18
CA GLY A 168 -9.55 -12.49 -26.86
C GLY A 168 -8.09 -12.10 -26.86
N THR A 169 -7.40 -12.45 -25.78
CA THR A 169 -6.04 -11.97 -25.57
C THR A 169 -5.19 -13.06 -24.95
N SER A 170 -3.96 -13.18 -25.45
CA SER A 170 -2.92 -13.94 -24.78
C SER A 170 -1.84 -12.97 -24.27
N VAL A 171 -1.44 -13.13 -23.02
CA VAL A 171 -0.36 -12.34 -22.44
C VAL A 171 0.68 -13.31 -21.86
N ALA A 172 1.93 -13.15 -22.28
CA ALA A 172 3.01 -13.97 -21.74
C ALA A 172 4.14 -13.07 -21.21
N ILE A 173 4.54 -13.30 -19.97
CA ILE A 173 5.50 -12.45 -19.29
C ILE A 173 6.49 -13.35 -18.58
N SER A 174 7.77 -13.02 -18.66
CA SER A 174 8.82 -13.80 -18.00
C SER A 174 9.38 -13.05 -16.81
N ILE A 175 9.38 -13.70 -15.64
CA ILE A 175 9.76 -13.07 -14.37
C ILE A 175 10.48 -14.06 -13.46
N PRO A 176 11.27 -13.54 -12.52
CA PRO A 176 11.71 -14.34 -11.38
C PRO A 176 10.51 -14.86 -10.59
N GLY A 177 10.62 -16.07 -10.05
CA GLY A 177 9.54 -16.65 -9.30
C GLY A 177 10.08 -17.62 -8.27
N ASP A 178 9.21 -18.06 -7.39
CA ASP A 178 9.56 -19.13 -6.47
C ASP A 178 8.33 -20.04 -6.39
N TRP A 179 8.26 -21.04 -7.26
CA TRP A 179 7.07 -21.88 -7.34
C TRP A 179 6.76 -22.63 -6.03
N PRO A 180 7.71 -23.39 -5.47
CA PRO A 180 7.44 -24.08 -4.20
C PRO A 180 6.84 -23.18 -3.11
N LYS A 181 7.29 -21.93 -2.97
CA LYS A 181 6.76 -21.03 -1.94
C LYS A 181 5.39 -20.41 -2.31
N ALA A 182 5.17 -20.21 -3.62
CA ALA A 182 3.95 -19.57 -4.11
C ALA A 182 2.81 -20.55 -4.41
N LYS A 183 3.14 -21.83 -4.55
CA LYS A 183 2.20 -22.85 -5.03
C LYS A 183 0.84 -22.88 -4.30
N SER A 184 0.88 -22.97 -2.98
CA SER A 184 -0.35 -23.16 -2.21
C SER A 184 -1.28 -21.93 -2.38
N ARG A 185 -0.68 -20.74 -2.39
CA ARG A 185 -1.47 -19.53 -2.56
C ARG A 185 -2.01 -19.30 -3.98
N ILE A 186 -1.25 -19.71 -5.00
CA ILE A 186 -1.75 -19.68 -6.37
C ILE A 186 -2.92 -20.64 -6.57
N TYR A 187 -2.82 -21.87 -6.09
CA TYR A 187 -3.96 -22.80 -6.12
C TYR A 187 -5.17 -22.29 -5.32
N GLU A 188 -4.93 -21.78 -4.12
CA GLU A 188 -6.02 -21.20 -3.30
C GLU A 188 -6.70 -20.05 -4.06
N TYR A 189 -5.90 -19.16 -4.65
CA TYR A 189 -6.46 -18.07 -5.46
C TYR A 189 -7.41 -18.55 -6.54
N ILE A 190 -6.96 -19.52 -7.33
CA ILE A 190 -7.77 -20.03 -8.45
C ILE A 190 -9.03 -20.78 -7.94
N LYS A 191 -8.84 -21.64 -6.93
CA LYS A 191 -9.96 -22.37 -6.33
C LYS A 191 -11.04 -21.42 -5.75
N ARG A 192 -10.60 -20.44 -4.96
CA ARG A 192 -11.55 -19.49 -4.36
C ARG A 192 -12.22 -18.60 -5.42
N THR A 193 -11.52 -18.30 -6.50
CA THR A 193 -12.16 -17.60 -7.63
C THR A 193 -13.24 -18.50 -8.23
N TYR A 194 -12.85 -19.74 -8.55
CA TYR A 194 -13.75 -20.67 -9.20
C TYR A 194 -15.06 -20.88 -8.41
N ILE A 195 -14.94 -20.98 -7.08
CA ILE A 195 -16.11 -21.29 -6.22
C ILE A 195 -17.19 -20.22 -6.26
N ILE A 196 -16.80 -18.98 -6.49
CA ILE A 196 -17.76 -17.90 -6.60
C ILE A 196 -17.97 -17.47 -8.06
N THR A 197 -17.33 -18.18 -8.99
CA THR A 197 -17.46 -17.92 -10.42
C THR A 197 -17.78 -19.21 -11.21
N PRO A 198 -18.92 -19.84 -10.92
CA PRO A 198 -19.27 -21.12 -11.55
C PRO A 198 -19.65 -21.03 -13.03
N TYR A 199 -19.83 -19.81 -13.54
CA TYR A 199 -20.11 -19.61 -14.95
C TYR A 199 -18.82 -19.51 -15.78
N ALA A 200 -17.66 -19.58 -15.11
CA ALA A 200 -16.37 -19.57 -15.79
C ALA A 200 -15.79 -20.96 -15.84
N GLU A 201 -14.91 -21.19 -16.82
CA GLU A 201 -14.11 -22.39 -16.91
C GLU A 201 -12.66 -21.98 -16.81
N PHE A 202 -11.87 -22.73 -16.04
CA PHE A 202 -10.43 -22.50 -15.96
C PHE A 202 -9.66 -23.79 -16.28
N ILE A 203 -8.55 -23.64 -16.98
CA ILE A 203 -7.56 -24.70 -17.11
C ILE A 203 -6.23 -24.15 -16.62
N PHE A 204 -5.58 -24.88 -15.71
CA PHE A 204 -4.31 -24.44 -15.12
C PHE A 204 -3.25 -25.52 -15.24
N LYS A 205 -2.13 -25.18 -15.88
CA LYS A 205 -0.97 -26.03 -15.98
C LYS A 205 0.18 -25.40 -15.20
N ASP A 206 0.68 -26.11 -14.19
CA ASP A 206 1.71 -25.53 -13.34
C ASP A 206 3.13 -25.93 -13.80
N PRO A 207 4.14 -25.36 -13.16
CA PRO A 207 5.54 -25.58 -13.55
C PRO A 207 5.98 -27.04 -13.45
N GLU A 208 5.28 -27.82 -12.63
CA GLU A 208 5.57 -29.26 -12.54
C GLU A 208 4.82 -30.06 -13.61
N GLY A 209 4.01 -29.36 -14.41
CA GLY A 209 3.31 -29.99 -15.51
C GLY A 209 1.98 -30.59 -15.11
N ASN A 210 1.59 -30.35 -13.86
CA ASN A 210 0.24 -30.71 -13.42
C ASN A 210 -0.80 -29.84 -14.12
N VAL A 211 -1.85 -30.49 -14.61
CA VAL A 211 -3.00 -29.77 -15.15
C VAL A 211 -4.23 -29.99 -14.25
N THR A 212 -4.94 -28.90 -13.97
CA THR A 212 -6.18 -28.95 -13.22
C THR A 212 -7.26 -28.29 -14.06
N TYR A 213 -8.43 -28.93 -14.11
CA TYR A 213 -9.55 -28.45 -14.88
C TYR A 213 -10.66 -28.04 -13.91
N TYR A 214 -11.21 -26.86 -14.16
CA TYR A 214 -12.27 -26.29 -13.32
C TYR A 214 -13.46 -26.04 -14.24
N PRO A 215 -14.37 -27.01 -14.35
CA PRO A 215 -15.45 -26.96 -15.36
C PRO A 215 -16.53 -25.92 -15.08
N ARG A 216 -17.07 -25.36 -16.16
CA ARG A 216 -18.24 -24.50 -16.06
C ARG A 216 -19.37 -25.32 -15.43
N LEU A 217 -20.03 -24.75 -14.44
CA LEU A 217 -21.13 -25.44 -13.73
C LEU A 217 -22.49 -24.84 -14.07
N THR A 218 -22.47 -23.61 -14.60
CA THR A 218 -23.71 -22.96 -15.04
C THR A 218 -23.42 -22.04 -16.21
N ASN A 219 -24.38 -21.95 -17.13
CA ASN A 219 -24.20 -21.10 -18.31
C ASN A 219 -24.94 -19.77 -18.19
N LYS A 220 -25.41 -19.48 -16.96
CA LYS A 220 -26.03 -18.22 -16.63
C LYS A 220 -24.97 -17.25 -16.14
N ILE A 221 -24.90 -16.07 -16.75
CA ILE A 221 -23.97 -15.05 -16.34
C ILE A 221 -24.69 -13.95 -15.55
N PRO A 222 -24.09 -13.43 -14.47
CA PRO A 222 -24.69 -12.30 -13.76
C PRO A 222 -24.83 -11.08 -14.69
N LYS A 223 -25.84 -10.27 -14.45
CA LYS A 223 -25.99 -9.00 -15.18
C LYS A 223 -24.68 -8.21 -15.04
N PRO A 224 -24.02 -7.89 -16.15
CA PRO A 224 -22.75 -7.17 -16.10
C PRO A 224 -22.91 -5.78 -15.46
N PRO A 225 -22.03 -5.41 -14.54
CA PRO A 225 -22.08 -4.06 -13.97
C PRO A 225 -21.74 -3.03 -15.02
N GLN A 226 -22.34 -1.84 -14.91
CA GLN A 226 -22.03 -0.78 -15.85
C GLN A 226 -21.68 0.51 -15.16
N GLU A 227 -21.19 1.46 -15.95
CA GLU A 227 -20.82 2.77 -15.45
C GLU A 227 -22.07 3.48 -14.94
N VAL A 228 -21.95 4.11 -13.76
CA VAL A 228 -23.05 4.86 -13.16
C VAL A 228 -22.61 6.24 -12.68
N LYS A 229 -23.59 7.10 -12.44
CA LYS A 229 -23.36 8.39 -11.80
C LYS A 229 -23.07 8.19 -10.31
N PRO A 230 -22.30 9.10 -9.70
CA PRO A 230 -22.02 9.00 -8.28
C PRO A 230 -23.30 9.20 -7.45
N HIS A 231 -23.29 8.66 -6.24
CA HIS A 231 -24.26 9.03 -5.22
C HIS A 231 -23.68 10.25 -4.51
N PRO A 232 -24.51 11.25 -4.19
CA PRO A 232 -23.99 12.51 -3.63
C PRO A 232 -23.31 12.35 -2.26
N TYR A 233 -23.73 11.39 -1.45
CA TYR A 233 -23.12 11.21 -0.12
C TYR A 233 -21.62 10.91 -0.20
N GLY A 234 -20.80 11.88 0.24
CA GLY A 234 -19.36 11.70 0.26
C GLY A 234 -18.64 12.16 -1.01
N VAL A 235 -19.36 12.65 -2.02
CA VAL A 235 -18.68 13.25 -3.17
C VAL A 235 -17.87 14.44 -2.65
N ASP A 236 -16.59 14.51 -3.04
CA ASP A 236 -15.71 15.54 -2.51
C ASP A 236 -15.54 16.76 -3.43
N ARG A 237 -14.85 17.79 -2.95
CA ARG A 237 -14.71 19.08 -3.65
C ARG A 237 -14.05 18.94 -5.03
N GLU A 238 -13.00 18.11 -5.11
CA GLU A 238 -12.31 17.88 -6.39
C GLU A 238 -13.21 17.12 -7.37
N GLU A 239 -14.01 16.20 -6.84
CA GLU A 239 -14.97 15.46 -7.68
C GLU A 239 -16.05 16.39 -8.23
N ILE A 240 -16.54 17.30 -7.39
CA ILE A 240 -17.49 18.32 -7.85
C ILE A 240 -16.87 19.12 -9.01
N LYS A 241 -15.61 19.52 -8.85
CA LYS A 241 -14.94 20.31 -9.90
C LYS A 241 -14.83 19.51 -11.20
N ILE A 242 -14.48 18.23 -11.09
CA ILE A 242 -14.42 17.33 -12.25
C ILE A 242 -15.78 17.28 -12.96
N LEU A 243 -16.84 17.04 -12.19
CA LEU A 243 -18.19 16.93 -12.75
C LEU A 243 -18.57 18.20 -13.48
N ILE A 244 -18.24 19.35 -12.89
CA ILE A 244 -18.54 20.65 -13.51
C ILE A 244 -17.73 20.84 -14.80
N ASN A 245 -16.45 20.49 -14.76
CA ASN A 245 -15.58 20.66 -15.91
C ASN A 245 -15.97 19.77 -17.11
N ASN A 246 -16.61 18.64 -16.81
CA ASN A 246 -17.00 17.68 -17.84
C ASN A 246 -18.34 18.02 -18.54
N LEU A 247 -19.05 19.04 -18.05
CA LEU A 247 -20.35 19.40 -18.58
C LEU A 247 -20.26 19.93 -20.01
N LYS A 248 -21.21 19.51 -20.84
CA LYS A 248 -21.36 20.05 -22.21
C LYS A 248 -22.48 21.08 -22.26
N ARG A 249 -23.33 21.08 -21.23
CA ARG A 249 -24.42 22.03 -21.11
C ARG A 249 -24.11 23.09 -20.07
N ASP A 250 -24.75 24.25 -20.19
CA ASP A 250 -24.59 25.33 -19.24
C ASP A 250 -25.58 25.23 -18.07
N TYR A 251 -25.50 24.12 -17.34
CA TYR A 251 -26.46 23.78 -16.29
C TYR A 251 -26.54 24.83 -15.18
N THR A 252 -27.74 25.01 -14.62
CA THR A 252 -27.87 25.70 -13.34
C THR A 252 -27.47 24.74 -12.23
N ILE A 253 -27.31 25.23 -11.00
CA ILE A 253 -27.00 24.34 -9.89
C ILE A 253 -28.09 23.29 -9.71
N LYS A 254 -29.36 23.70 -9.80
CA LYS A 254 -30.48 22.77 -9.69
C LYS A 254 -30.39 21.65 -10.74
N GLU A 255 -30.19 22.04 -12.01
CA GLU A 255 -30.03 21.05 -13.10
C GLU A 255 -28.83 20.10 -12.87
N PHE A 256 -27.71 20.67 -12.42
CA PHE A 256 -26.50 19.92 -12.09
C PHE A 256 -26.78 18.81 -11.07
N LEU A 257 -27.56 19.12 -10.05
CA LEU A 257 -27.85 18.17 -8.98
C LEU A 257 -28.72 17.01 -9.44
N VAL A 258 -29.83 17.33 -10.11
CA VAL A 258 -30.73 16.31 -10.66
C VAL A 258 -30.07 15.42 -11.74
N ASN A 259 -29.22 16.02 -12.56
CA ASN A 259 -28.70 15.33 -13.73
C ASN A 259 -27.41 14.55 -13.50
N GLU A 260 -26.55 15.02 -12.60
CA GLU A 260 -25.19 14.46 -12.48
C GLU A 260 -25.02 13.39 -11.41
N PHE A 261 -26.04 13.24 -10.55
CA PHE A 261 -26.01 12.30 -9.43
C PHE A 261 -27.18 11.33 -9.47
N GLN A 262 -26.98 10.20 -8.80
CA GLN A 262 -28.03 9.25 -8.47
C GLN A 262 -28.81 9.83 -7.30
N SER A 263 -30.03 9.33 -7.10
CA SER A 263 -30.81 9.61 -5.89
C SER A 263 -31.08 11.10 -5.66
N ILE A 264 -31.08 11.91 -6.72
CA ILE A 264 -31.55 13.30 -6.57
C ILE A 264 -32.64 13.67 -7.57
N GLY A 265 -33.87 13.80 -7.08
CA GLY A 265 -34.95 14.35 -7.88
C GLY A 265 -35.13 15.83 -7.60
N ASP A 266 -36.21 16.39 -8.14
CA ASP A 266 -36.54 17.80 -7.98
C ASP A 266 -36.61 18.20 -6.52
N THR A 267 -37.31 17.40 -5.72
CA THR A 267 -37.58 17.73 -4.32
C THR A 267 -36.31 17.68 -3.46
N THR A 268 -35.50 16.65 -3.68
CA THR A 268 -34.22 16.53 -3.00
C THR A 268 -33.31 17.67 -3.41
N ALA A 269 -33.27 17.97 -4.71
CA ALA A 269 -32.46 19.10 -5.20
C ALA A 269 -32.83 20.41 -4.50
N ASP A 270 -34.13 20.71 -4.43
CA ASP A 270 -34.59 21.93 -3.74
C ASP A 270 -34.10 21.98 -2.29
N LYS A 271 -34.22 20.87 -1.57
CA LYS A 271 -33.79 20.78 -0.18
C LYS A 271 -32.26 20.95 -0.03
N ILE A 272 -31.49 20.30 -0.89
CA ILE A 272 -30.03 20.47 -0.87
C ILE A 272 -29.67 21.95 -1.09
N LEU A 273 -30.28 22.58 -2.09
CA LEU A 273 -30.01 23.98 -2.39
C LEU A 273 -30.31 24.89 -1.21
N GLU A 274 -31.46 24.66 -0.56
CA GLU A 274 -31.83 25.43 0.63
C GLU A 274 -30.83 25.24 1.79
N LEU A 275 -30.50 23.98 2.09
CA LEU A 275 -29.54 23.69 3.15
C LEU A 275 -28.14 24.25 2.87
N ALA A 276 -27.72 24.24 1.60
CA ALA A 276 -26.38 24.66 1.23
C ALA A 276 -26.27 26.17 1.01
N GLY A 277 -27.42 26.85 1.00
CA GLY A 277 -27.45 28.30 0.80
C GLY A 277 -27.15 28.71 -0.62
N LEU A 278 -27.54 27.87 -1.58
CA LEU A 278 -27.25 28.10 -2.99
C LEU A 278 -28.49 28.49 -3.78
N LYS A 279 -28.29 29.38 -4.76
CA LYS A 279 -29.36 29.81 -5.65
C LYS A 279 -29.63 28.77 -6.72
N PRO A 280 -30.84 28.21 -6.73
CA PRO A 280 -31.21 27.16 -7.70
C PRO A 280 -30.81 27.50 -9.13
N ASN A 281 -30.91 28.78 -9.51
CA ASN A 281 -30.77 29.20 -10.90
C ASN A 281 -29.36 29.67 -11.31
N LYS A 282 -28.47 29.86 -10.32
CA LYS A 282 -27.08 30.23 -10.63
C LYS A 282 -26.46 29.17 -11.55
N LYS A 283 -25.64 29.60 -12.49
CA LYS A 283 -24.92 28.66 -13.36
C LYS A 283 -23.83 27.95 -12.57
N VAL A 284 -23.82 26.61 -12.62
CA VAL A 284 -22.92 25.82 -11.79
C VAL A 284 -21.45 26.04 -12.13
N LYS A 285 -21.16 26.48 -13.36
CA LYS A 285 -19.78 26.77 -13.75
C LYS A 285 -19.19 27.90 -12.92
N ASN A 286 -20.07 28.67 -12.27
CA ASN A 286 -19.68 29.82 -11.48
C ASN A 286 -19.64 29.59 -9.97
N LEU A 287 -19.82 28.33 -9.54
CA LEU A 287 -19.71 28.01 -8.12
C LEU A 287 -18.37 28.49 -7.60
N THR A 288 -18.37 29.13 -6.44
CA THR A 288 -17.11 29.56 -5.81
C THR A 288 -16.49 28.41 -5.01
N GLU A 289 -15.22 28.56 -4.65
CA GLU A 289 -14.54 27.57 -3.82
C GLU A 289 -15.34 27.28 -2.55
N GLU A 290 -15.82 28.35 -1.90
CA GLU A 290 -16.59 28.25 -0.66
C GLU A 290 -17.96 27.62 -0.85
N GLU A 291 -18.61 27.93 -1.98
CA GLU A 291 -19.87 27.28 -2.34
C GLU A 291 -19.70 25.76 -2.54
N ILE A 292 -18.60 25.35 -3.18
CA ILE A 292 -18.29 23.93 -3.39
C ILE A 292 -18.12 23.22 -2.04
N THR A 293 -17.44 23.87 -1.09
CA THR A 293 -17.34 23.32 0.26
C THR A 293 -18.73 23.10 0.87
N ARG A 294 -19.57 24.14 0.80
CA ARG A 294 -20.93 24.09 1.38
C ARG A 294 -21.75 22.96 0.79
N LEU A 295 -21.65 22.78 -0.53
CA LEU A 295 -22.36 21.67 -1.19
C LEU A 295 -21.87 20.30 -0.71
N VAL A 296 -20.55 20.14 -0.63
CA VAL A 296 -19.95 18.88 -0.20
C VAL A 296 -20.34 18.55 1.26
N GLU A 297 -20.31 19.55 2.14
CA GLU A 297 -20.71 19.37 3.54
C GLU A 297 -22.19 19.02 3.67
N THR A 298 -23.03 19.70 2.87
CA THR A 298 -24.46 19.44 2.84
C THR A 298 -24.74 17.99 2.42
N PHE A 299 -24.08 17.56 1.34
CA PHE A 299 -24.16 16.18 0.87
C PHE A 299 -23.80 15.22 2.03
N LYS A 300 -22.75 15.58 2.77
CA LYS A 300 -22.24 14.73 3.85
C LYS A 300 -23.22 14.57 5.01
N LYS A 301 -23.93 15.64 5.35
CA LYS A 301 -24.81 15.67 6.53
C LYS A 301 -26.28 15.37 6.21
N TYR A 302 -26.62 15.30 4.93
CA TYR A 302 -27.99 15.07 4.51
C TYR A 302 -28.37 13.63 4.82
N GLU A 303 -29.52 13.43 5.48
CA GLU A 303 -29.87 12.11 6.01
C GLU A 303 -31.01 11.45 5.23
N ASP A 304 -31.60 12.20 4.30
CA ASP A 304 -32.76 11.72 3.53
C ASP A 304 -32.45 11.25 2.08
N PHE A 305 -31.21 10.92 1.78
CA PHE A 305 -30.92 10.38 0.43
C PHE A 305 -31.44 8.96 0.29
N ARG A 306 -32.09 8.68 -0.83
CA ARG A 306 -32.38 7.30 -1.22
C ARG A 306 -31.06 6.59 -1.51
N SER A 307 -31.03 5.30 -1.22
CA SER A 307 -29.84 4.49 -1.46
C SER A 307 -29.51 4.46 -2.96
N PRO A 308 -28.25 4.21 -3.32
CA PRO A 308 -27.86 3.96 -4.72
C PRO A 308 -28.61 2.75 -5.26
N SER A 309 -28.76 2.68 -6.58
CA SER A 309 -29.36 1.50 -7.22
C SER A 309 -28.45 0.30 -7.03
N ALA A 310 -29.06 -0.83 -6.72
CA ALA A 310 -28.31 -2.06 -6.59
C ALA A 310 -27.59 -2.42 -7.90
N ASP A 311 -27.82 -1.62 -8.94
CA ASP A 311 -27.46 -1.98 -10.32
C ASP A 311 -26.09 -1.53 -10.86
N SER A 312 -25.37 -0.68 -10.12
CA SER A 312 -23.97 -0.43 -10.51
C SER A 312 -23.10 -1.63 -10.15
N LEU A 313 -23.65 -2.52 -9.31
CA LEU A 313 -22.85 -3.57 -8.70
C LEU A 313 -23.21 -4.99 -9.15
N SER A 314 -22.25 -5.90 -9.00
CA SER A 314 -22.46 -7.31 -9.26
C SER A 314 -22.10 -8.13 -8.02
N VAL A 315 -23.10 -8.74 -7.40
CA VAL A 315 -22.95 -9.47 -6.15
C VAL A 315 -22.75 -10.96 -6.41
N ILE A 316 -22.26 -11.69 -5.41
CA ILE A 316 -22.20 -13.16 -5.50
C ILE A 316 -23.61 -13.73 -5.32
N GLY A 317 -24.32 -13.22 -4.32
CA GLY A 317 -25.69 -13.63 -4.06
C GLY A 317 -25.75 -14.70 -3.01
N GLU A 318 -26.80 -14.66 -2.19
CA GLU A 318 -26.95 -15.55 -1.06
C GLU A 318 -26.89 -17.03 -1.43
N ASP A 319 -27.59 -17.41 -2.50
CA ASP A 319 -27.62 -18.82 -2.94
C ASP A 319 -26.21 -19.36 -3.18
N LEU A 320 -25.43 -18.63 -3.98
CA LEU A 320 -24.08 -19.07 -4.34
C LEU A 320 -23.12 -19.06 -3.15
N ILE A 321 -23.25 -18.05 -2.30
CA ILE A 321 -22.39 -17.96 -1.11
C ILE A 321 -22.60 -19.22 -0.26
N GLU A 322 -23.86 -19.53 0.01
CA GLU A 322 -24.23 -20.72 0.77
C GLU A 322 -23.80 -22.01 0.07
N LEU A 323 -24.09 -22.11 -1.23
CA LEU A 323 -23.65 -23.27 -2.00
C LEU A 323 -22.14 -23.50 -1.80
N GLY A 324 -21.36 -22.44 -1.92
CA GLY A 324 -19.91 -22.55 -1.93
C GLY A 324 -19.33 -22.92 -0.57
N LEU A 325 -19.89 -22.33 0.48
CA LEU A 325 -19.51 -22.67 1.84
C LEU A 325 -19.79 -24.16 2.13
N LYS A 326 -20.93 -24.65 1.66
CA LYS A 326 -21.32 -26.05 1.86
C LYS A 326 -20.41 -27.01 1.09
N LYS A 327 -20.17 -26.69 -0.18
CA LYS A 327 -19.31 -27.49 -1.05
C LYS A 327 -17.92 -27.68 -0.46
N ILE A 328 -17.34 -26.60 0.04
CA ILE A 328 -15.97 -26.60 0.51
C ILE A 328 -15.83 -27.14 1.95
N PHE A 329 -16.75 -26.77 2.83
CA PHE A 329 -16.59 -27.05 4.27
C PHE A 329 -17.55 -28.09 4.88
N ASN A 330 -18.56 -28.52 4.13
CA ASN A 330 -19.59 -29.44 4.62
C ASN A 330 -19.96 -29.17 6.10
N PRO A 331 -20.49 -27.97 6.38
CA PRO A 331 -20.80 -27.57 7.76
C PRO A 331 -22.11 -28.17 8.20
N ASP A 332 -22.39 -28.11 9.51
CA ASP A 332 -23.72 -28.46 10.03
C ASP A 332 -24.75 -27.38 9.70
N PHE A 333 -24.28 -26.14 9.59
CA PHE A 333 -25.16 -25.01 9.37
C PHE A 333 -24.49 -23.98 8.46
N ALA A 334 -25.27 -23.37 7.57
CA ALA A 334 -24.80 -22.20 6.80
C ALA A 334 -25.92 -21.20 6.56
N ALA A 335 -25.52 -19.93 6.50
CA ALA A 335 -26.44 -18.83 6.25
C ALA A 335 -25.66 -17.70 5.60
N SER A 336 -26.38 -16.82 4.91
CA SER A 336 -25.75 -15.68 4.24
C SER A 336 -26.73 -14.54 4.09
N ILE A 337 -26.19 -13.36 3.79
CA ILE A 337 -27.00 -12.19 3.54
C ILE A 337 -26.31 -11.31 2.50
N THR A 338 -27.07 -10.87 1.51
CA THR A 338 -26.64 -9.83 0.60
C THR A 338 -27.34 -8.56 1.06
N ARG A 339 -26.58 -7.63 1.62
CA ARG A 339 -27.19 -6.43 2.19
C ARG A 339 -27.63 -5.47 1.09
N LYS A 340 -28.52 -4.54 1.45
CA LYS A 340 -28.94 -3.47 0.54
C LYS A 340 -27.80 -2.47 0.31
N PRO A 341 -27.78 -1.83 -0.86
CA PRO A 341 -26.68 -0.92 -1.21
C PRO A 341 -26.58 0.28 -0.28
N LYS A 342 -25.35 0.64 0.06
CA LYS A 342 -25.06 1.91 0.72
C LYS A 342 -24.09 2.74 -0.14
N ALA A 343 -23.64 3.86 0.40
CA ALA A 343 -22.67 4.70 -0.28
C ALA A 343 -21.57 5.13 0.67
N TYR A 344 -20.34 5.21 0.16
CA TYR A 344 -19.25 5.83 0.88
C TYR A 344 -18.48 6.68 -0.14
N GLN A 345 -18.19 7.92 0.22
CA GLN A 345 -17.38 8.78 -0.65
C GLN A 345 -17.90 8.82 -2.10
N GLY A 346 -19.23 8.89 -2.27
CA GLY A 346 -19.83 8.95 -3.58
C GLY A 346 -20.02 7.61 -4.29
N HIS A 347 -19.43 6.56 -3.72
CA HIS A 347 -19.39 5.24 -4.37
C HIS A 347 -20.45 4.29 -3.81
N PRO A 348 -21.33 3.76 -4.66
CA PRO A 348 -22.22 2.68 -4.21
C PRO A 348 -21.38 1.49 -3.74
N PHE A 349 -21.85 0.80 -2.70
CA PHE A 349 -21.24 -0.45 -2.27
C PHE A 349 -22.26 -1.38 -1.63
N ILE A 350 -21.96 -2.69 -1.69
CA ILE A 350 -22.76 -3.70 -1.03
C ILE A 350 -21.84 -4.60 -0.23
N VAL A 351 -22.23 -4.91 1.00
CA VAL A 351 -21.56 -5.97 1.74
C VAL A 351 -22.40 -7.24 1.72
N GLU A 352 -21.75 -8.37 1.43
CA GLU A 352 -22.38 -9.67 1.61
C GLU A 352 -21.62 -10.42 2.68
N ALA A 353 -22.35 -11.20 3.46
CA ALA A 353 -21.69 -11.96 4.52
C ALA A 353 -22.23 -13.37 4.57
N GLY A 354 -21.35 -14.33 4.92
CA GLY A 354 -21.77 -15.70 5.14
C GLY A 354 -21.16 -16.27 6.41
N VAL A 355 -21.83 -17.26 6.99
CA VAL A 355 -21.31 -17.98 8.14
C VAL A 355 -21.53 -19.48 7.92
N ALA A 356 -20.52 -20.28 8.22
CA ALA A 356 -20.68 -21.74 8.22
C ALA A 356 -20.20 -22.26 9.56
N PHE A 357 -20.89 -23.27 10.10
CA PHE A 357 -20.58 -23.78 11.43
C PHE A 357 -20.59 -25.30 11.49
N GLY A 358 -19.62 -25.86 12.22
CA GLY A 358 -19.58 -27.30 12.49
C GLY A 358 -19.13 -28.15 11.31
N GLY A 359 -19.60 -29.40 11.29
CA GLY A 359 -19.30 -30.31 10.20
C GLY A 359 -17.83 -30.57 9.98
N SER A 360 -17.38 -30.44 8.74
CA SER A 360 -15.98 -30.73 8.39
C SER A 360 -15.00 -29.57 8.66
N ILE A 361 -15.52 -28.42 9.09
CA ILE A 361 -14.68 -27.28 9.51
C ILE A 361 -13.81 -27.67 10.70
N PRO A 362 -12.50 -27.44 10.61
CA PRO A 362 -11.58 -27.76 11.70
C PRO A 362 -11.83 -26.94 12.96
N VAL A 363 -11.37 -27.44 14.10
CA VAL A 363 -11.49 -26.73 15.36
C VAL A 363 -10.33 -25.76 15.54
N GLY A 364 -10.64 -24.58 16.07
CA GLY A 364 -9.64 -23.57 16.36
C GLY A 364 -10.16 -22.59 17.39
N GLU A 365 -9.35 -21.61 17.76
CA GLU A 365 -9.76 -20.61 18.73
C GLU A 365 -10.25 -19.31 18.07
N GLU A 366 -10.20 -19.28 16.74
CA GLU A 366 -10.72 -18.15 15.97
C GLU A 366 -11.42 -18.66 14.69
N PRO A 367 -12.31 -17.84 14.11
CA PRO A 367 -12.97 -18.25 12.88
C PRO A 367 -11.95 -18.31 11.75
N ILE A 368 -12.20 -19.15 10.75
CA ILE A 368 -11.57 -19.00 9.46
C ILE A 368 -12.28 -17.85 8.75
N VAL A 369 -11.53 -16.86 8.29
CA VAL A 369 -12.10 -15.69 7.65
C VAL A 369 -11.80 -15.70 6.14
N LEU A 370 -12.86 -15.67 5.34
CA LEU A 370 -12.73 -15.62 3.89
C LEU A 370 -13.14 -14.24 3.38
N ARG A 371 -12.19 -13.49 2.82
CA ARG A 371 -12.39 -12.11 2.40
C ARG A 371 -12.44 -12.05 0.88
N TYR A 372 -13.40 -11.31 0.34
CA TYR A 372 -13.46 -11.04 -1.10
C TYR A 372 -13.76 -9.58 -1.32
N ALA A 373 -13.20 -9.02 -2.41
CA ALA A 373 -13.50 -7.65 -2.81
C ALA A 373 -13.67 -7.59 -4.33
N ASN A 374 -14.79 -7.04 -4.78
CA ASN A 374 -15.15 -7.10 -6.20
C ASN A 374 -14.89 -8.46 -6.83
N LYS A 375 -15.31 -9.52 -6.14
CA LYS A 375 -15.23 -10.90 -6.64
C LYS A 375 -13.79 -11.44 -6.73
N ILE A 376 -12.86 -10.76 -6.09
CA ILE A 376 -11.48 -11.26 -5.98
C ILE A 376 -11.28 -11.83 -4.57
N PRO A 377 -10.81 -13.07 -4.46
CA PRO A 377 -10.44 -13.60 -3.12
C PRO A 377 -9.15 -12.97 -2.64
N LEU A 378 -9.21 -12.41 -1.44
CA LEU A 378 -8.03 -11.86 -0.77
C LEU A 378 -7.31 -12.95 -0.01
N ILE A 379 -5.99 -12.98 -0.14
CA ILE A 379 -5.22 -14.07 0.45
C ILE A 379 -4.13 -13.63 1.43
N TYR A 380 -3.43 -12.54 1.11
CA TYR A 380 -2.35 -12.04 1.94
C TYR A 380 -2.85 -11.00 2.96
N ASP A 381 -2.03 -10.71 3.97
CA ASP A 381 -2.21 -9.55 4.86
C ASP A 381 -3.54 -9.52 5.61
N GLU A 382 -4.06 -10.67 6.00
CA GLU A 382 -5.42 -10.73 6.53
C GLU A 382 -5.60 -9.97 7.83
N LYS A 383 -4.60 -10.04 8.71
CA LYS A 383 -4.73 -9.48 10.07
C LYS A 383 -4.74 -7.96 10.12
N SER A 384 -4.40 -7.30 9.03
CA SER A 384 -4.55 -5.85 8.97
C SER A 384 -5.72 -5.35 8.11
N ASP A 385 -6.55 -6.29 7.65
CA ASP A 385 -7.74 -5.95 6.88
C ASP A 385 -8.81 -5.41 7.81
N VAL A 386 -9.61 -4.46 7.33
CA VAL A 386 -10.76 -3.98 8.11
C VAL A 386 -11.81 -5.08 8.37
N ILE A 387 -11.92 -6.05 7.47
CA ILE A 387 -12.82 -7.19 7.71
C ILE A 387 -12.38 -7.99 8.94
N TRP A 388 -11.08 -8.24 9.05
CA TRP A 388 -10.51 -8.93 10.21
C TRP A 388 -10.70 -8.13 11.49
N LYS A 389 -10.57 -6.81 11.39
CA LYS A 389 -10.77 -5.93 12.55
C LYS A 389 -12.19 -6.14 13.09
N VAL A 390 -13.18 -6.07 12.18
CA VAL A 390 -14.58 -6.20 12.56
C VAL A 390 -14.92 -7.60 13.16
N VAL A 391 -14.45 -8.65 12.49
CA VAL A 391 -14.67 -10.03 12.96
C VAL A 391 -14.09 -10.22 14.37
N GLU A 392 -12.85 -9.78 14.56
CA GLU A 392 -12.17 -9.87 15.85
C GLU A 392 -12.94 -9.14 16.97
N GLU A 393 -13.52 -7.98 16.64
CA GLU A 393 -14.15 -7.15 17.66
C GLU A 393 -15.54 -7.64 18.07
N LEU A 394 -16.17 -8.42 17.20
CA LEU A 394 -17.50 -8.98 17.50
C LEU A 394 -17.47 -9.96 18.68
N ASP A 395 -18.41 -9.79 19.61
CA ASP A 395 -18.53 -10.72 20.73
C ASP A 395 -19.40 -11.92 20.30
N TRP A 396 -18.74 -13.01 19.92
CA TRP A 396 -19.43 -14.22 19.50
C TRP A 396 -20.17 -14.93 20.64
N LYS A 397 -19.86 -14.56 21.88
CA LYS A 397 -20.62 -15.09 23.03
C LYS A 397 -22.08 -14.63 22.98
N ARG A 398 -22.28 -13.44 22.42
CA ARG A 398 -23.61 -12.88 22.23
C ARG A 398 -24.45 -13.66 21.21
N TYR A 399 -23.77 -14.43 20.37
CA TYR A 399 -24.42 -15.17 19.27
C TYR A 399 -24.37 -16.68 19.45
N GLY A 400 -24.11 -17.12 20.68
CA GLY A 400 -24.25 -18.52 21.02
C GLY A 400 -22.95 -19.31 21.05
N ILE A 401 -21.85 -18.67 20.74
CA ILE A 401 -20.57 -19.37 20.78
C ILE A 401 -20.02 -19.37 22.21
N GLU A 402 -20.34 -20.46 22.89
CA GLU A 402 -20.16 -20.61 24.32
C GLU A 402 -18.69 -20.81 24.69
N SER A 403 -18.02 -21.69 23.94
CA SER A 403 -16.69 -22.19 24.29
C SER A 403 -15.57 -21.46 23.55
N ASP A 404 -14.33 -21.70 24.01
CA ASP A 404 -13.16 -21.06 23.43
C ASP A 404 -12.69 -21.78 22.16
N GLN A 405 -13.16 -23.01 21.98
CA GLN A 405 -12.85 -23.79 20.77
C GLN A 405 -14.12 -24.13 19.99
N TYR A 406 -14.10 -23.78 18.70
CA TYR A 406 -15.27 -23.95 17.83
C TYR A 406 -14.89 -24.10 16.36
N GLN A 407 -15.88 -24.45 15.55
CA GLN A 407 -15.67 -24.70 14.14
C GLN A 407 -16.52 -23.72 13.34
N MET A 408 -15.98 -22.56 13.05
CA MET A 408 -16.70 -21.57 12.27
C MET A 408 -15.91 -20.99 11.11
N VAL A 409 -16.59 -20.78 9.99
CA VAL A 409 -16.10 -19.99 8.88
C VAL A 409 -16.94 -18.71 8.73
N VAL A 410 -16.29 -17.57 8.54
CA VAL A 410 -16.99 -16.31 8.27
C VAL A 410 -16.54 -15.76 6.92
N MET A 411 -17.50 -15.50 6.03
CA MET A 411 -17.18 -14.95 4.72
C MET A 411 -17.70 -13.54 4.61
N VAL A 412 -16.86 -12.64 4.10
CA VAL A 412 -17.29 -11.29 3.78
C VAL A 412 -16.87 -10.88 2.36
N HIS A 413 -17.85 -10.42 1.57
CA HIS A 413 -17.59 -9.84 0.27
C HIS A 413 -17.98 -8.36 0.27
N LEU A 414 -17.02 -7.53 -0.12
CA LEU A 414 -17.32 -6.13 -0.37
C LEU A 414 -17.31 -5.91 -1.89
N CYS A 415 -18.36 -5.33 -2.44
CA CYS A 415 -18.29 -4.91 -3.84
C CYS A 415 -18.67 -3.44 -3.97
N SER A 416 -18.01 -2.73 -4.89
CA SER A 416 -18.20 -1.28 -5.04
C SER A 416 -17.67 -0.82 -6.38
N THR A 417 -18.05 0.40 -6.79
CA THR A 417 -17.38 1.04 -7.91
C THR A 417 -15.92 1.36 -7.56
N LYS A 418 -15.61 1.37 -6.27
CA LYS A 418 -14.23 1.53 -5.80
C LYS A 418 -13.99 0.80 -4.50
N ILE A 419 -13.09 -0.18 -4.50
CA ILE A 419 -12.67 -0.81 -3.25
C ILE A 419 -11.48 0.00 -2.72
N PRO A 420 -11.53 0.47 -1.49
CA PRO A 420 -10.39 1.22 -0.95
C PRO A 420 -9.33 0.26 -0.37
N TYR A 421 -8.45 -0.26 -1.22
CA TYR A 421 -7.36 -1.09 -0.73
C TYR A 421 -6.29 -0.31 0.03
N LYS A 422 -5.58 -1.00 0.94
CA LYS A 422 -4.48 -0.39 1.68
C LYS A 422 -3.24 -0.25 0.80
N SER A 423 -3.13 -1.12 -0.20
CA SER A 423 -1.98 -1.16 -1.08
C SER A 423 -2.43 -1.38 -2.54
N ALA A 424 -1.61 -0.90 -3.48
CA ALA A 424 -1.85 -1.12 -4.91
C ALA A 424 -1.74 -2.58 -5.34
N GLY A 425 -1.04 -3.38 -4.52
CA GLY A 425 -1.06 -4.83 -4.64
C GLY A 425 -2.38 -5.44 -4.21
N LYS A 426 -3.29 -4.59 -3.76
CA LYS A 426 -4.57 -5.01 -3.20
C LYS A 426 -4.36 -5.91 -1.99
N GLU A 427 -5.06 -7.04 -1.94
CA GLU A 427 -4.93 -8.02 -0.84
C GLU A 427 -5.57 -7.66 0.50
N SER A 428 -5.68 -6.37 0.82
CA SER A 428 -6.38 -5.99 2.07
C SER A 428 -7.13 -4.67 1.96
N ILE A 429 -8.21 -4.57 2.73
CA ILE A 429 -9.10 -3.41 2.64
C ILE A 429 -8.81 -2.38 3.75
N ALA A 430 -8.73 -1.10 3.37
CA ALA A 430 -8.46 -0.01 4.30
C ALA A 430 -9.61 0.29 5.28
N GLU A 431 -9.26 0.95 6.37
CA GLU A 431 -10.23 1.30 7.42
C GLU A 431 -11.03 2.55 7.06
N VAL A 432 -12.09 2.35 6.30
CA VAL A 432 -13.00 3.40 5.92
C VAL A 432 -14.26 3.22 6.76
N GLU A 433 -14.65 4.27 7.48
CA GLU A 433 -15.61 4.15 8.58
C GLU A 433 -17.00 3.66 8.14
N ASP A 434 -17.51 4.19 7.02
CA ASP A 434 -18.85 3.77 6.53
C ASP A 434 -18.84 2.30 6.13
N ILE A 435 -17.73 1.85 5.56
CA ILE A 435 -17.57 0.45 5.16
C ILE A 435 -17.43 -0.45 6.39
N GLU A 436 -16.57 -0.04 7.32
CA GLU A 436 -16.43 -0.72 8.60
C GLU A 436 -17.78 -0.95 9.28
N LYS A 437 -18.57 0.12 9.38
CA LYS A 437 -19.89 0.06 10.01
C LYS A 437 -20.82 -0.93 9.31
N GLU A 438 -20.83 -0.90 7.98
CA GLU A 438 -21.70 -1.80 7.23
C GLU A 438 -21.23 -3.27 7.24
N ILE A 439 -19.92 -3.51 7.24
CA ILE A 439 -19.40 -4.87 7.43
C ILE A 439 -19.90 -5.41 8.80
N LYS A 440 -19.84 -4.57 9.83
CA LYS A 440 -20.33 -4.97 11.14
C LYS A 440 -21.82 -5.29 11.12
N ASN A 441 -22.63 -4.40 10.56
CA ASN A 441 -24.09 -4.65 10.50
C ASN A 441 -24.38 -5.95 9.75
N ALA A 442 -23.68 -6.18 8.65
CA ALA A 442 -23.89 -7.41 7.88
C ALA A 442 -23.48 -8.66 8.66
N LEU A 443 -22.34 -8.59 9.33
CA LEU A 443 -21.88 -9.71 10.14
C LEU A 443 -22.86 -9.98 11.28
N MET A 444 -23.38 -8.90 11.88
CA MET A 444 -24.36 -9.05 12.94
C MET A 444 -25.61 -9.75 12.45
N GLU A 445 -26.04 -9.44 11.23
CA GLU A 445 -27.23 -10.07 10.65
C GLU A 445 -27.08 -11.59 10.43
N VAL A 446 -25.96 -12.03 9.86
CA VAL A 446 -25.75 -13.49 9.72
C VAL A 446 -25.48 -14.18 11.04
N ALA A 447 -24.79 -13.49 11.94
CA ALA A 447 -24.52 -14.00 13.28
C ALA A 447 -25.82 -14.28 14.04
N ARG A 448 -26.85 -13.49 13.74
CA ARG A 448 -28.17 -13.70 14.32
C ARG A 448 -28.83 -15.00 13.82
N LYS A 449 -28.61 -15.33 12.55
CA LYS A 449 -29.03 -16.61 12.00
C LYS A 449 -28.28 -17.77 12.66
N LEU A 450 -26.98 -17.58 12.90
CA LEU A 450 -26.21 -18.57 13.64
C LEU A 450 -26.74 -18.74 15.06
N LYS A 451 -26.98 -17.61 15.74
CA LYS A 451 -27.51 -17.61 17.11
C LYS A 451 -28.79 -18.44 17.23
N GLN A 452 -29.69 -18.26 16.28
CA GLN A 452 -30.93 -19.03 16.18
C GLN A 452 -30.64 -20.54 16.08
N TYR A 453 -29.72 -20.91 15.19
CA TYR A 453 -29.35 -22.31 15.01
C TYR A 453 -28.77 -22.90 16.29
N LEU A 454 -27.90 -22.14 16.95
CA LEU A 454 -27.23 -22.61 18.16
C LEU A 454 -28.21 -22.69 19.35
N SER A 455 -29.14 -21.73 19.41
CA SER A 455 -30.21 -21.73 20.42
C SER A 455 -31.10 -22.99 20.32
N GLU A 456 -31.52 -23.34 19.09
CA GLU A 456 -32.26 -24.59 18.85
C GLU A 456 -31.49 -25.86 19.28
N LYS A 457 -30.20 -25.93 18.92
CA LYS A 457 -29.33 -27.05 19.36
C LYS A 457 -29.27 -27.11 20.88
N ARG A 458 -29.14 -25.95 21.51
CA ARG A 458 -29.07 -25.86 22.96
C ARG A 458 -30.37 -26.30 23.62
N LYS A 459 -31.50 -25.85 23.06
CA LYS A 459 -32.81 -26.27 23.55
C LYS A 459 -33.00 -27.78 23.47
N GLU A 460 -32.58 -28.37 22.36
CA GLU A 460 -32.65 -29.82 22.20
C GLU A 460 -31.82 -30.51 23.30
N GLN A 461 -30.58 -30.05 23.46
CA GLN A 461 -29.67 -30.56 24.51
C GLN A 461 -30.27 -30.47 25.90
N GLU A 462 -30.90 -29.34 26.20
CA GLU A 462 -31.50 -29.14 27.51
C GLU A 462 -32.60 -30.16 27.77
N ALA A 463 -33.43 -30.41 26.75
CA ALA A 463 -34.48 -31.41 26.83
C ALA A 463 -33.90 -32.80 27.06
N LYS A 464 -32.83 -33.10 26.35
CA LYS A 464 -32.17 -34.40 26.46
C LYS A 464 -31.53 -34.58 27.83
N LYS A 465 -31.01 -33.47 28.39
CA LYS A 465 -30.39 -33.47 29.72
C LYS A 465 -31.35 -33.94 30.81
N LYS A 466 -32.63 -33.66 30.61
CA LYS A 466 -33.66 -34.05 31.57
C LYS A 466 -33.88 -35.57 31.57
N LEU A 467 -33.65 -36.21 30.43
CA LEU A 467 -33.74 -37.67 30.32
C LEU A 467 -32.61 -38.42 31.08
N LEU A 468 -31.68 -37.66 31.68
CA LEU A 468 -30.56 -38.22 32.43
C LEU A 468 -30.86 -38.42 33.91
N LYS B 3 -18.64 0.00 -24.52
CA LYS B 3 -17.22 0.06 -25.03
C LYS B 3 -16.24 0.49 -23.94
N GLU B 4 -15.07 -0.17 -23.88
CA GLU B 4 -13.97 0.26 -23.01
C GLU B 4 -13.35 1.57 -23.52
N LYS B 5 -13.24 2.55 -22.63
CA LYS B 5 -12.60 3.83 -22.97
C LYS B 5 -11.27 3.95 -22.20
N PHE B 6 -10.16 4.04 -22.93
CA PHE B 6 -8.85 4.08 -22.31
C PHE B 6 -8.46 5.52 -21.98
N THR B 7 -8.06 5.75 -20.74
CA THR B 7 -7.51 7.06 -20.34
C THR B 7 -6.28 6.96 -19.45
N SER B 8 -5.66 8.10 -19.21
CA SER B 8 -4.45 8.25 -18.41
C SER B 8 -4.79 8.99 -17.13
N LEU B 9 -3.97 8.78 -16.08
CA LEU B 9 -4.02 9.62 -14.89
C LEU B 9 -2.68 10.25 -14.64
N SER B 10 -2.70 11.47 -14.12
CA SER B 10 -1.52 12.07 -13.52
C SER B 10 -1.30 11.46 -12.13
N PRO B 11 -0.06 11.52 -11.62
CA PRO B 11 0.22 11.02 -10.27
C PRO B 11 -0.66 11.69 -9.20
N ALA B 12 -1.00 12.97 -9.39
CA ALA B 12 -1.90 13.66 -8.45
C ALA B 12 -3.30 13.05 -8.49
N GLU B 13 -3.83 12.84 -9.70
CA GLU B 13 -5.14 12.24 -9.89
C GLU B 13 -5.20 10.86 -9.25
N PHE B 14 -4.13 10.08 -9.44
CA PHE B 14 -4.01 8.73 -8.87
C PHE B 14 -4.20 8.71 -7.35
N PHE B 15 -3.52 9.62 -6.65
CA PHE B 15 -3.58 9.63 -5.19
C PHE B 15 -4.80 10.36 -4.64
N LYS B 16 -5.34 11.32 -5.40
CA LYS B 16 -6.64 11.93 -5.04
C LYS B 16 -7.78 10.88 -5.13
N ARG B 17 -7.72 10.02 -6.15
CA ARG B 17 -8.74 8.97 -6.31
C ARG B 17 -8.59 7.91 -5.23
N ASN B 18 -7.35 7.70 -4.79
CA ASN B 18 -7.00 6.59 -3.88
C ASN B 18 -6.16 7.03 -2.68
N PRO B 19 -6.69 7.95 -1.87
CA PRO B 19 -5.88 8.56 -0.77
C PRO B 19 -5.49 7.52 0.28
N GLU B 20 -6.22 6.40 0.33
CA GLU B 20 -5.94 5.32 1.27
C GLU B 20 -4.55 4.74 1.03
N LEU B 21 -4.08 4.85 -0.21
CA LEU B 21 -2.77 4.31 -0.61
C LEU B 21 -1.62 5.10 -0.01
N ALA B 22 -1.91 6.35 0.35
CA ALA B 22 -0.88 7.25 0.89
C ALA B 22 -1.02 7.43 2.42
N GLY B 23 -1.93 6.67 3.01
CA GLY B 23 -2.13 6.72 4.45
C GLY B 23 -3.20 7.73 4.86
N PHE B 24 -4.15 8.01 3.97
CA PHE B 24 -5.26 8.92 4.28
C PHE B 24 -6.65 8.25 4.10
N PRO B 25 -6.93 7.16 4.84
CA PRO B 25 -8.17 6.41 4.64
C PRO B 25 -9.41 6.95 5.41
N ASN B 26 -9.17 7.71 6.49
CA ASN B 26 -10.24 8.27 7.33
C ASN B 26 -9.63 9.46 8.12
N PRO B 27 -10.47 10.33 8.70
CA PRO B 27 -9.97 11.55 9.35
C PRO B 27 -9.02 11.31 10.53
N ALA B 28 -9.24 10.25 11.30
CA ALA B 28 -8.36 9.95 12.44
C ALA B 28 -6.93 9.62 11.97
N ARG B 29 -6.81 8.65 11.06
CA ARG B 29 -5.51 8.31 10.48
C ARG B 29 -4.88 9.46 9.67
N ALA B 30 -5.73 10.24 9.01
CA ALA B 30 -5.27 11.39 8.23
C ALA B 30 -4.66 12.47 9.12
N LEU B 31 -5.27 12.74 10.26
CA LEU B 31 -4.74 13.74 11.16
C LEU B 31 -3.36 13.27 11.67
N TYR B 32 -3.29 12.00 12.06
CA TYR B 32 -2.03 11.39 12.48
C TYR B 32 -0.97 11.48 11.37
N GLN B 33 -1.37 11.08 10.16
CA GLN B 33 -0.45 10.98 9.02
C GLN B 33 0.14 12.35 8.68
N THR B 34 -0.71 13.37 8.73
CA THR B 34 -0.30 14.74 8.43
C THR B 34 0.76 15.22 9.41
N VAL B 35 0.49 14.98 10.69
CA VAL B 35 1.42 15.31 11.74
C VAL B 35 2.77 14.62 11.50
N ARG B 36 2.76 13.31 11.27
CA ARG B 36 4.03 12.61 11.15
C ARG B 36 4.77 12.91 9.84
N GLU B 37 4.03 13.13 8.74
CA GLU B 37 4.69 13.51 7.47
C GLU B 37 5.45 14.81 7.66
N LEU B 38 4.85 15.76 8.38
CA LEU B 38 5.50 17.05 8.59
C LEU B 38 6.68 16.95 9.54
N ILE B 39 6.50 16.23 10.65
CA ILE B 39 7.65 16.01 11.57
C ILE B 39 8.81 15.37 10.85
N GLU B 40 8.52 14.35 10.03
CA GLU B 40 9.60 13.61 9.36
C GLU B 40 10.32 14.51 8.34
N ASN B 41 9.57 15.38 7.67
CA ASN B 41 10.15 16.40 6.79
C ASN B 41 11.06 17.34 7.56
N SER B 42 10.62 17.78 8.73
CA SER B 42 11.43 18.66 9.57
C SER B 42 12.71 18.00 10.07
N LEU B 43 12.61 16.74 10.49
CA LEU B 43 13.79 16.00 10.93
C LEU B 43 14.80 15.76 9.78
N ASP B 44 14.29 15.42 8.60
CA ASP B 44 15.18 15.23 7.44
C ASP B 44 15.87 16.53 7.07
N ALA B 45 15.18 17.65 7.30
CA ALA B 45 15.74 18.98 7.02
C ALA B 45 16.69 19.50 8.11
N THR B 46 16.81 18.76 9.23
CA THR B 46 17.68 19.18 10.33
C THR B 46 18.84 18.22 10.58
N ASP B 47 18.55 17.04 11.12
CA ASP B 47 19.66 16.16 11.52
C ASP B 47 20.49 15.57 10.37
N VAL B 48 19.89 15.49 9.18
CA VAL B 48 20.63 15.08 7.98
C VAL B 48 21.67 16.14 7.58
N HIS B 49 21.48 17.37 8.09
CA HIS B 49 22.38 18.48 7.76
C HIS B 49 23.16 19.01 8.98
N GLY B 50 23.27 18.19 10.01
CA GLY B 50 24.05 18.54 11.20
C GLY B 50 23.45 19.68 12.01
N ILE B 51 22.13 19.82 11.97
CA ILE B 51 21.44 20.79 12.79
C ILE B 51 20.71 20.05 13.90
N LEU B 52 20.86 20.50 15.15
CA LEU B 52 20.08 19.94 16.27
C LEU B 52 18.62 20.36 16.07
N PRO B 53 17.70 19.41 15.84
CA PRO B 53 16.32 19.76 15.47
C PRO B 53 15.57 20.40 16.62
N ASN B 54 14.91 21.51 16.30
CA ASN B 54 14.01 22.21 17.22
C ASN B 54 12.69 22.27 16.47
N ILE B 55 11.72 21.46 16.89
CA ILE B 55 10.49 21.26 16.11
C ILE B 55 9.27 21.57 16.97
N LYS B 56 8.38 22.40 16.45
CA LYS B 56 7.16 22.75 17.17
C LYS B 56 5.95 22.26 16.39
N ILE B 57 5.07 21.54 17.05
CA ILE B 57 3.85 21.01 16.43
C ILE B 57 2.65 21.58 17.15
N THR B 58 1.78 22.26 16.39
CA THR B 58 0.51 22.75 16.90
C THR B 58 -0.66 22.15 16.11
N ILE B 59 -1.69 21.69 16.82
CA ILE B 59 -2.95 21.29 16.18
C ILE B 59 -4.09 22.09 16.79
N ASP B 60 -4.79 22.85 15.94
CA ASP B 60 -5.93 23.66 16.37
C ASP B 60 -7.21 23.12 15.75
N LEU B 61 -8.25 22.97 16.55
CA LEU B 61 -9.57 22.67 16.01
C LEU B 61 -10.05 23.99 15.47
N ILE B 62 -10.19 24.11 14.15
CA ILE B 62 -10.67 25.37 13.59
C ILE B 62 -12.18 25.42 13.32
N ASP B 63 -12.80 24.26 13.10
CA ASP B 63 -14.26 24.19 12.90
C ASP B 63 -14.83 22.92 13.52
N ASP B 64 -15.55 23.09 14.62
CA ASP B 64 -16.06 21.96 15.40
C ASP B 64 -17.05 21.11 14.57
N ALA B 65 -18.02 21.77 13.95
CA ALA B 65 -19.10 21.06 13.24
C ALA B 65 -18.57 20.26 12.05
N ARG B 66 -17.64 20.86 11.32
CA ARG B 66 -17.03 20.21 10.16
C ARG B 66 -15.78 19.40 10.54
N GLN B 67 -15.40 19.45 11.82
CA GLN B 67 -14.20 18.77 12.32
C GLN B 67 -12.97 19.05 11.46
N ILE B 68 -12.70 20.32 11.21
CA ILE B 68 -11.52 20.73 10.46
C ILE B 68 -10.45 21.19 11.42
N TYR B 69 -9.25 20.64 11.28
CA TYR B 69 -8.12 21.00 12.11
C TYR B 69 -7.04 21.65 11.26
N LYS B 70 -6.31 22.58 11.86
CA LYS B 70 -5.13 23.13 11.22
C LYS B 70 -3.87 22.61 11.93
N VAL B 71 -3.02 21.90 11.18
CA VAL B 71 -1.74 21.39 11.69
C VAL B 71 -0.62 22.31 11.23
N ASN B 72 0.14 22.83 12.19
CA ASN B 72 1.30 23.69 11.92
C ASN B 72 2.56 23.07 12.50
N VAL B 73 3.55 22.84 11.64
CA VAL B 73 4.84 22.35 12.11
C VAL B 73 5.91 23.36 11.71
N VAL B 74 6.72 23.75 12.68
CA VAL B 74 7.77 24.75 12.50
C VAL B 74 9.11 24.15 12.90
N ASP B 75 10.11 24.28 12.03
CA ASP B 75 11.41 23.72 12.31
C ASP B 75 12.52 24.77 12.13
N ASN B 76 13.73 24.39 12.56
CA ASN B 76 14.92 25.19 12.35
C ASN B 76 15.84 24.55 11.30
N GLY B 77 15.24 23.90 10.29
CA GLY B 77 16.03 23.22 9.26
C GLY B 77 16.62 24.09 8.17
N ILE B 78 17.11 23.45 7.11
CA ILE B 78 17.80 24.16 6.02
C ILE B 78 16.89 24.99 5.11
N GLY B 79 15.58 24.89 5.33
CA GLY B 79 14.59 25.53 4.49
C GLY B 79 14.57 24.93 3.09
N ILE B 80 13.87 25.62 2.18
CA ILE B 80 13.74 25.17 0.79
C ILE B 80 14.03 26.40 -0.08
N PRO B 81 14.84 26.24 -1.13
CA PRO B 81 15.07 27.37 -2.05
C PRO B 81 13.71 27.83 -2.59
N PRO B 82 13.44 29.13 -2.57
CA PRO B 82 12.10 29.62 -2.93
C PRO B 82 11.65 29.11 -4.29
N GLN B 83 12.58 28.92 -5.21
CA GLN B 83 12.22 28.51 -6.57
C GLN B 83 11.72 27.06 -6.58
N GLU B 84 12.08 26.30 -5.54
CA GLU B 84 11.69 24.89 -5.43
C GLU B 84 10.40 24.66 -4.62
N VAL B 85 9.94 25.67 -3.90
CA VAL B 85 8.80 25.48 -2.98
C VAL B 85 7.52 25.02 -3.68
N PRO B 86 7.11 25.65 -4.78
CA PRO B 86 5.87 25.24 -5.45
C PRO B 86 5.87 23.76 -5.84
N ASN B 87 6.94 23.26 -6.44
CA ASN B 87 7.02 21.83 -6.78
C ASN B 87 7.20 20.95 -5.57
N ALA B 88 8.02 21.39 -4.61
CA ALA B 88 8.24 20.60 -3.39
C ALA B 88 6.93 20.28 -2.69
N PHE B 89 6.02 21.26 -2.63
CA PHE B 89 4.74 21.07 -1.93
C PHE B 89 3.55 20.80 -2.82
N GLY B 90 3.71 20.99 -4.13
CA GLY B 90 2.54 20.96 -5.00
C GLY B 90 2.68 20.17 -6.28
N ARG B 91 3.74 19.35 -6.38
CA ARG B 91 3.90 18.43 -7.50
C ARG B 91 4.16 17.03 -6.97
N VAL B 92 3.21 16.12 -7.23
CA VAL B 92 3.37 14.73 -6.77
C VAL B 92 4.52 14.05 -7.50
N LEU B 93 5.31 13.28 -6.75
CA LEU B 93 6.56 12.64 -7.21
C LEU B 93 7.65 13.67 -7.49
N TYR B 94 7.95 14.47 -6.46
CA TYR B 94 9.00 15.47 -6.52
C TYR B 94 9.64 15.52 -5.15
N SER B 95 10.96 15.30 -5.13
CA SER B 95 11.66 15.03 -3.87
C SER B 95 13.12 15.42 -3.99
N SER B 96 13.76 15.72 -2.86
CA SER B 96 15.22 15.74 -2.84
C SER B 96 15.82 14.44 -2.30
N LYS B 97 14.96 13.46 -2.04
CA LYS B 97 15.37 12.24 -1.34
C LYS B 97 15.35 11.01 -2.26
N TYR B 98 15.40 11.25 -3.56
CA TYR B 98 15.59 10.16 -4.51
C TYR B 98 17.07 9.67 -4.56
N VAL B 99 18.02 10.50 -4.16
CA VAL B 99 19.41 10.02 -4.11
C VAL B 99 19.57 8.85 -3.11
N ASN B 100 20.54 7.98 -3.33
CA ASN B 100 20.73 6.78 -2.51
C ASN B 100 21.33 7.10 -1.12
N ARG B 101 20.47 7.20 -0.11
CA ARG B 101 20.81 7.83 1.17
C ARG B 101 19.73 7.49 2.20
N GLN B 102 20.13 7.21 3.42
CA GLN B 102 19.18 7.01 4.50
C GLN B 102 18.55 8.32 5.01
N THR B 103 17.35 8.60 4.54
CA THR B 103 16.50 9.64 5.09
C THR B 103 15.18 8.98 5.46
N ARG B 104 14.41 9.67 6.28
CA ARG B 104 13.06 9.23 6.60
C ARG B 104 12.18 9.25 5.35
N GLY B 105 12.30 10.32 4.55
CA GLY B 105 11.48 10.45 3.35
C GLY B 105 12.08 9.68 2.19
N MET B 106 11.27 9.35 1.17
CA MET B 106 11.70 8.51 0.05
C MET B 106 10.85 8.58 -1.21
N TYR B 107 9.60 9.01 -1.10
CA TYR B 107 8.66 8.92 -2.24
C TYR B 107 8.40 10.22 -2.97
N GLY B 108 8.64 11.35 -2.32
CA GLY B 108 8.25 12.64 -2.91
C GLY B 108 6.73 12.82 -3.01
N LEU B 109 6.01 12.27 -2.03
CA LEU B 109 4.54 12.25 -2.05
C LEU B 109 3.89 12.85 -0.80
N GLY B 110 4.50 12.61 0.36
CA GLY B 110 3.84 12.74 1.65
C GLY B 110 3.13 14.04 1.90
N VAL B 111 3.82 15.16 1.76
CA VAL B 111 3.17 16.44 2.00
C VAL B 111 2.11 16.75 0.92
N LYS B 112 2.36 16.32 -0.33
CA LYS B 112 1.35 16.49 -1.40
C LYS B 112 0.07 15.68 -1.11
N ALA B 113 0.23 14.49 -0.53
CA ALA B 113 -0.93 13.66 -0.19
C ALA B 113 -1.78 14.38 0.85
N ALA B 114 -1.13 15.03 1.81
CA ALA B 114 -1.87 15.83 2.80
C ALA B 114 -2.61 17.00 2.13
N VAL B 115 -1.95 17.63 1.15
CA VAL B 115 -2.53 18.75 0.41
C VAL B 115 -3.75 18.33 -0.41
N LEU B 116 -3.67 17.17 -1.07
CA LEU B 116 -4.79 16.61 -1.81
C LEU B 116 -6.00 16.34 -0.90
N TYR B 117 -5.73 15.72 0.24
CA TYR B 117 -6.74 15.42 1.24
C TYR B 117 -7.36 16.75 1.73
N SER B 118 -6.49 17.73 1.98
CA SER B 118 -6.94 19.09 2.37
C SER B 118 -7.89 19.67 1.32
N GLN B 119 -7.50 19.60 0.04
CA GLN B 119 -8.28 20.15 -1.06
C GLN B 119 -9.59 19.42 -1.29
N MET B 120 -9.57 18.10 -1.06
CA MET B 120 -10.78 17.30 -1.25
C MET B 120 -11.91 17.75 -0.32
N HIS B 121 -11.55 18.26 0.85
CA HIS B 121 -12.53 18.40 1.93
C HIS B 121 -12.78 19.82 2.47
N GLN B 122 -11.84 20.74 2.22
CA GLN B 122 -12.04 22.14 2.61
C GLN B 122 -11.36 23.08 1.60
N ASP B 123 -11.46 24.39 1.82
CA ASP B 123 -11.02 25.34 0.80
C ASP B 123 -9.84 26.26 1.12
N LYS B 124 -9.25 26.16 2.31
CA LYS B 124 -8.06 26.96 2.62
C LYS B 124 -6.81 26.31 2.04
N PRO B 125 -5.97 27.08 1.33
CA PRO B 125 -4.72 26.54 0.80
C PRO B 125 -3.68 26.26 1.87
N ILE B 126 -2.73 25.39 1.57
CA ILE B 126 -1.57 25.19 2.46
C ILE B 126 -0.70 26.44 2.55
N GLU B 127 -0.15 26.70 3.73
CA GLU B 127 0.74 27.84 3.95
C GLU B 127 2.17 27.42 4.26
N ILE B 128 3.11 27.98 3.50
CA ILE B 128 4.54 27.73 3.71
C ILE B 128 5.28 29.05 3.92
N GLU B 129 6.11 29.08 4.99
CA GLU B 129 7.11 30.11 5.16
C GLU B 129 8.47 29.44 5.33
N THR B 130 9.46 29.93 4.60
CA THR B 130 10.75 29.29 4.66
C THR B 130 11.85 30.34 4.53
N SER B 131 12.95 30.09 5.23
CA SER B 131 14.12 30.93 5.21
C SER B 131 15.38 30.07 5.26
N PRO B 132 15.99 29.84 4.09
CA PRO B 132 17.28 29.11 4.01
C PRO B 132 18.40 29.79 4.79
N VAL B 133 19.52 29.08 4.95
CA VAL B 133 20.65 29.61 5.68
C VAL B 133 21.12 30.93 5.06
N ASN B 134 21.37 31.90 5.93
CA ASN B 134 21.85 33.24 5.56
C ASN B 134 20.82 34.17 4.90
N SER B 135 19.60 33.67 4.71
CA SER B 135 18.57 34.40 4.00
C SER B 135 18.14 35.66 4.73
N LYS B 136 18.14 36.78 4.02
CA LYS B 136 17.69 38.06 4.58
C LYS B 136 16.17 38.25 4.41
N ARG B 137 15.53 37.27 3.80
CA ARG B 137 14.08 37.30 3.61
C ARG B 137 13.42 36.01 4.10
N ILE B 138 12.17 36.13 4.53
CA ILE B 138 11.34 34.95 4.75
C ILE B 138 10.38 34.88 3.55
N TYR B 139 10.41 33.76 2.85
CA TYR B 139 9.61 33.60 1.64
C TYR B 139 8.30 32.93 2.01
N THR B 140 7.20 33.52 1.59
CA THR B 140 5.87 33.02 1.97
C THR B 140 5.07 32.57 0.76
N PHE B 141 4.22 31.58 0.97
CA PHE B 141 3.45 30.94 -0.08
C PHE B 141 2.10 30.49 0.45
N LYS B 142 1.09 30.57 -0.41
CA LYS B 142 -0.10 29.74 -0.26
C LYS B 142 -0.27 28.99 -1.56
N LEU B 143 -0.52 27.69 -1.45
CA LEU B 143 -0.50 26.79 -2.60
C LEU B 143 -1.70 25.88 -2.66
N LYS B 144 -2.09 25.52 -3.87
CA LYS B 144 -2.92 24.36 -4.10
C LYS B 144 -2.28 23.50 -5.16
N ILE B 145 -2.90 22.34 -5.46
CA ILE B 145 -2.43 21.46 -6.52
C ILE B 145 -3.49 21.37 -7.60
N ASP B 146 -3.08 21.58 -8.85
CA ASP B 146 -3.94 21.31 -10.00
C ASP B 146 -3.78 19.81 -10.26
N ILE B 147 -4.78 19.03 -9.87
CA ILE B 147 -4.59 17.58 -9.88
C ILE B 147 -4.46 17.02 -11.30
N ASN B 148 -5.15 17.63 -12.27
CA ASN B 148 -5.10 17.14 -13.65
C ASN B 148 -3.72 17.32 -14.26
N LYS B 149 -3.11 18.48 -14.00
CA LYS B 149 -1.78 18.75 -14.55
C LYS B 149 -0.64 18.24 -13.63
N ASN B 150 -1.00 17.87 -12.41
CA ASN B 150 0.01 17.58 -11.37
C ASN B 150 1.01 18.74 -11.27
N GLU B 151 0.47 19.94 -11.07
CA GLU B 151 1.30 21.15 -10.95
C GLU B 151 0.79 22.05 -9.82
N PRO B 152 1.68 22.82 -9.19
CA PRO B 152 1.26 23.76 -8.14
C PRO B 152 0.43 24.89 -8.70
N ILE B 153 -0.51 25.37 -7.89
CA ILE B 153 -1.26 26.59 -8.15
C ILE B 153 -0.81 27.56 -7.07
N ILE B 154 -0.27 28.68 -7.50
CA ILE B 154 0.22 29.68 -6.56
C ILE B 154 -0.91 30.67 -6.25
N VAL B 155 -1.47 30.53 -5.05
CA VAL B 155 -2.53 31.39 -4.54
C VAL B 155 -1.92 32.69 -4.00
N GLU B 156 -0.89 32.54 -3.17
CA GLU B 156 -0.08 33.67 -2.73
C GLU B 156 1.41 33.36 -2.80
N ARG B 157 2.21 34.41 -3.00
CA ARG B 157 3.66 34.32 -3.04
C ARG B 157 4.25 35.68 -2.71
N GLY B 158 5.13 35.72 -1.73
CA GLY B 158 5.75 36.98 -1.38
C GLY B 158 6.93 36.80 -0.47
N SER B 159 7.34 37.88 0.18
CA SER B 159 8.42 37.80 1.15
C SER B 159 8.41 39.02 2.05
N VAL B 160 9.01 38.87 3.23
CA VAL B 160 9.25 39.99 4.15
C VAL B 160 10.70 39.92 4.57
N GLU B 161 11.27 41.05 4.99
CA GLU B 161 12.63 41.02 5.50
C GLU B 161 12.69 40.18 6.77
N ASN B 162 13.78 39.42 6.90
CA ASN B 162 13.99 38.52 8.03
C ASN B 162 14.68 39.22 9.21
N THR B 163 13.94 40.09 9.91
CA THR B 163 14.50 40.90 11.00
C THR B 163 14.73 40.13 12.30
N ARG B 164 13.96 39.06 12.52
CA ARG B 164 14.08 38.26 13.75
C ARG B 164 15.04 37.09 13.57
N GLY B 165 15.66 36.97 12.39
CA GLY B 165 16.57 35.87 12.12
C GLY B 165 15.92 34.48 12.18
N PHE B 166 14.75 34.34 11.57
CA PHE B 166 14.15 33.00 11.40
C PHE B 166 14.93 32.22 10.34
N HIS B 167 15.29 30.97 10.67
CA HIS B 167 15.88 30.06 9.70
C HIS B 167 15.31 28.65 9.86
N GLY B 168 14.68 28.16 8.78
CA GLY B 168 13.86 26.96 8.87
C GLY B 168 12.61 27.10 8.02
N THR B 169 11.61 26.31 8.36
CA THR B 169 10.39 26.25 7.59
C THR B 169 9.19 26.10 8.52
N SER B 170 8.11 26.79 8.17
CA SER B 170 6.82 26.59 8.81
C SER B 170 5.84 26.08 7.75
N VAL B 171 5.10 25.03 8.08
CA VAL B 171 4.06 24.53 7.18
C VAL B 171 2.79 24.43 7.97
N ALA B 172 1.70 24.97 7.42
CA ALA B 172 0.38 24.82 8.02
C ALA B 172 -0.63 24.33 6.99
N ILE B 173 -1.44 23.36 7.39
CA ILE B 173 -2.37 22.73 6.49
C ILE B 173 -3.65 22.42 7.25
N SER B 174 -4.78 22.67 6.60
CA SER B 174 -6.09 22.46 7.20
C SER B 174 -6.74 21.22 6.60
N ILE B 175 -7.14 20.29 7.47
CA ILE B 175 -7.69 18.99 7.03
C ILE B 175 -8.81 18.54 7.96
N PRO B 176 -9.68 17.66 7.48
CA PRO B 176 -10.57 16.91 8.38
C PRO B 176 -9.73 16.05 9.31
N GLY B 177 -10.18 15.94 10.54
CA GLY B 177 -9.47 15.12 11.51
C GLY B 177 -10.43 14.56 12.53
N ASP B 178 -9.91 13.66 13.36
CA ASP B 178 -10.66 13.14 14.48
C ASP B 178 -9.66 13.06 15.63
N TRP B 179 -9.60 14.12 16.42
CA TRP B 179 -8.61 14.21 17.48
C TRP B 179 -8.82 13.13 18.58
N PRO B 180 -10.03 12.95 19.11
CA PRO B 180 -10.26 11.89 20.12
C PRO B 180 -9.76 10.50 19.68
N LYS B 181 -9.99 10.13 18.43
CA LYS B 181 -9.53 8.82 17.94
C LYS B 181 -8.04 8.79 17.61
N ALA B 182 -7.46 9.91 17.22
CA ALA B 182 -6.03 9.93 16.83
C ALA B 182 -5.11 10.26 18.00
N LYS B 183 -5.68 10.76 19.09
CA LYS B 183 -4.89 11.35 20.17
C LYS B 183 -3.78 10.43 20.71
N SER B 184 -4.14 9.19 21.03
CA SER B 184 -3.18 8.31 21.70
C SER B 184 -2.02 7.93 20.76
N ARG B 185 -2.33 7.75 19.49
CA ARG B 185 -1.29 7.36 18.52
C ARG B 185 -0.40 8.53 18.13
N ILE B 186 -0.95 9.74 18.11
CA ILE B 186 -0.11 10.92 17.88
C ILE B 186 0.87 11.14 19.04
N TYR B 187 0.36 11.05 20.27
CA TYR B 187 1.24 11.17 21.44
C TYR B 187 2.27 10.04 21.47
N GLU B 188 1.84 8.81 21.14
CA GLU B 188 2.77 7.68 21.07
C GLU B 188 3.85 7.92 20.00
N TYR B 189 3.43 8.42 18.84
CA TYR B 189 4.41 8.71 17.80
C TYR B 189 5.49 9.71 18.28
N ILE B 190 5.08 10.80 18.92
CA ILE B 190 6.02 11.84 19.33
C ILE B 190 6.92 11.30 20.46
N LYS B 191 6.32 10.61 21.41
CA LYS B 191 7.06 10.04 22.55
C LYS B 191 8.15 9.06 22.08
N ARG B 192 7.81 8.14 21.19
CA ARG B 192 8.79 7.15 20.71
C ARG B 192 9.86 7.77 19.81
N THR B 193 9.49 8.79 19.04
CA THR B 193 10.47 9.54 18.27
C THR B 193 11.46 10.21 19.25
N TYR B 194 10.93 10.87 20.27
CA TYR B 194 11.77 11.57 21.25
C TYR B 194 12.73 10.62 21.99
N ILE B 195 12.20 9.46 22.41
CA ILE B 195 13.02 8.47 23.13
C ILE B 195 14.23 7.99 22.32
N ILE B 196 14.11 7.97 21.00
CA ILE B 196 15.26 7.55 20.19
C ILE B 196 15.98 8.72 19.54
N THR B 197 15.54 9.94 19.83
CA THR B 197 16.13 11.15 19.25
C THR B 197 16.45 12.20 20.36
N PRO B 198 17.34 11.86 21.30
CA PRO B 198 17.60 12.71 22.47
C PRO B 198 18.29 14.04 22.13
N TYR B 199 18.78 14.17 20.90
CA TYR B 199 19.42 15.39 20.43
C TYR B 199 18.41 16.36 19.81
N ALA B 200 17.15 15.93 19.75
CA ALA B 200 16.07 16.76 19.22
C ALA B 200 15.26 17.34 20.36
N GLU B 201 14.64 18.48 20.10
CA GLU B 201 13.75 19.12 21.06
C GLU B 201 12.40 19.37 20.39
N PHE B 202 11.32 18.96 21.06
CA PHE B 202 9.97 19.08 20.50
C PHE B 202 9.08 19.87 21.47
N ILE B 203 8.21 20.69 20.91
CA ILE B 203 7.08 21.26 21.63
C ILE B 203 5.80 20.86 20.90
N PHE B 204 4.83 20.29 21.65
CA PHE B 204 3.56 19.84 21.08
C PHE B 204 2.38 20.53 21.77
N LYS B 205 1.65 21.34 21.02
CA LYS B 205 0.39 21.91 21.52
C LYS B 205 -0.77 21.22 20.81
N ASP B 206 -1.61 20.53 21.59
CA ASP B 206 -2.72 19.77 21.00
C ASP B 206 -4.02 20.60 20.93
N PRO B 207 -5.08 20.05 20.31
CA PRO B 207 -6.32 20.81 20.10
C PRO B 207 -7.05 21.19 21.40
N GLU B 208 -6.76 20.48 22.49
CA GLU B 208 -7.37 20.76 23.80
C GLU B 208 -6.59 21.84 24.54
N GLY B 209 -5.52 22.32 23.91
CA GLY B 209 -4.69 23.35 24.51
C GLY B 209 -3.61 22.82 25.44
N ASN B 210 -3.45 21.50 25.54
CA ASN B 210 -2.31 20.94 26.27
C ASN B 210 -1.00 21.25 25.55
N VAL B 211 0.03 21.57 26.32
CA VAL B 211 1.36 21.78 25.76
C VAL B 211 2.34 20.85 26.47
N THR B 212 3.06 20.06 25.68
CA THR B 212 4.07 19.15 26.20
C THR B 212 5.46 19.52 25.64
N TYR B 213 6.44 19.59 26.53
CA TYR B 213 7.80 19.96 26.15
C TYR B 213 8.68 18.72 26.23
N TYR B 214 9.44 18.45 25.16
CA TYR B 214 10.37 17.32 25.13
C TYR B 214 11.76 17.88 24.92
N PRO B 215 12.47 18.17 26.02
CA PRO B 215 13.71 18.98 25.93
C PRO B 215 14.88 18.16 25.40
N ARG B 216 15.81 18.84 24.76
CA ARG B 216 17.05 18.24 24.28
C ARG B 216 17.87 17.72 25.45
N LEU B 217 18.34 16.46 25.33
CA LEU B 217 19.07 15.79 26.41
C LEU B 217 20.56 15.65 26.11
N THR B 218 20.91 15.86 24.83
CA THR B 218 22.29 15.84 24.37
C THR B 218 22.44 16.71 23.12
N ASN B 219 23.60 17.33 22.95
CA ASN B 219 23.84 18.20 21.80
C ASN B 219 24.81 17.57 20.78
N LYS B 220 24.93 16.25 20.88
CA LYS B 220 25.76 15.48 19.97
C LYS B 220 24.84 14.77 18.98
N ILE B 221 24.95 15.20 17.74
CA ILE B 221 24.14 14.63 16.68
C ILE B 221 24.90 13.44 16.07
N PRO B 222 24.23 12.35 15.70
CA PRO B 222 24.90 11.26 14.98
C PRO B 222 25.51 11.78 13.68
N LYS B 223 26.59 11.15 13.22
CA LYS B 223 27.11 11.48 11.89
C LYS B 223 25.95 11.47 10.87
N PRO B 224 25.72 12.59 10.18
CA PRO B 224 24.67 12.67 9.17
C PRO B 224 24.84 11.65 8.03
N PRO B 225 23.75 10.98 7.65
CA PRO B 225 23.82 10.02 6.53
C PRO B 225 24.06 10.77 5.24
N GLN B 226 24.85 10.19 4.35
CA GLN B 226 25.18 10.80 3.07
C GLN B 226 24.81 9.87 1.93
N GLU B 227 24.94 10.39 0.70
CA GLU B 227 24.77 9.58 -0.49
C GLU B 227 25.83 8.49 -0.49
N VAL B 228 25.44 7.28 -0.89
CA VAL B 228 26.39 6.18 -0.97
C VAL B 228 26.21 5.37 -2.23
N LYS B 229 27.26 4.66 -2.60
CA LYS B 229 27.23 3.76 -3.75
C LYS B 229 26.42 2.53 -3.38
N PRO B 230 25.78 1.91 -4.38
CA PRO B 230 25.06 0.66 -4.13
C PRO B 230 26.03 -0.44 -3.80
N HIS B 231 25.57 -1.44 -3.04
CA HIS B 231 26.25 -2.70 -2.92
C HIS B 231 25.80 -3.55 -4.12
N PRO B 232 26.72 -4.29 -4.75
CA PRO B 232 26.41 -5.03 -5.97
C PRO B 232 25.35 -6.13 -5.82
N TYR B 233 25.25 -6.76 -4.65
CA TYR B 233 24.28 -7.83 -4.41
C TYR B 233 22.83 -7.35 -4.53
N GLY B 234 22.16 -7.76 -5.63
CA GLY B 234 20.77 -7.45 -5.87
C GLY B 234 20.51 -6.18 -6.68
N VAL B 235 21.56 -5.52 -7.17
CA VAL B 235 21.37 -4.41 -8.10
C VAL B 235 20.73 -4.99 -9.36
N ASP B 236 19.65 -4.37 -9.84
CA ASP B 236 18.89 -4.94 -10.96
C ASP B 236 19.28 -4.37 -12.32
N ARG B 237 18.69 -4.92 -13.39
CA ARG B 237 19.11 -4.59 -14.76
C ARG B 237 18.86 -3.12 -15.06
N GLU B 238 17.73 -2.60 -14.61
CA GLU B 238 17.39 -1.20 -14.88
C GLU B 238 18.30 -0.25 -14.09
N GLU B 239 18.70 -0.68 -12.90
CA GLU B 239 19.64 0.08 -12.09
C GLU B 239 21.06 0.10 -12.70
N ILE B 240 21.47 -1.01 -13.31
CA ILE B 240 22.74 -1.04 -14.08
C ILE B 240 22.70 -0.03 -15.22
N LYS B 241 21.58 0.03 -15.93
CA LYS B 241 21.43 0.95 -17.07
C LYS B 241 21.55 2.40 -16.61
N ILE B 242 20.93 2.71 -15.48
CA ILE B 242 20.96 4.04 -14.90
C ILE B 242 22.41 4.39 -14.53
N LEU B 243 23.14 3.45 -13.94
CA LEU B 243 24.53 3.71 -13.56
C LEU B 243 25.40 3.94 -14.78
N ILE B 244 25.11 3.22 -15.86
CA ILE B 244 25.82 3.42 -17.12
C ILE B 244 25.47 4.79 -17.74
N ASN B 245 24.18 5.11 -17.85
CA ASN B 245 23.76 6.41 -18.39
C ASN B 245 24.35 7.61 -17.62
N ASN B 246 24.63 7.43 -16.34
CA ASN B 246 25.10 8.54 -15.50
C ASN B 246 26.62 8.73 -15.54
N LEU B 247 27.34 7.80 -16.15
CA LEU B 247 28.79 7.87 -16.24
C LEU B 247 29.23 9.09 -17.05
N LYS B 248 30.29 9.74 -16.61
CA LYS B 248 30.83 10.91 -17.29
C LYS B 248 32.19 10.65 -17.92
N ARG B 249 32.57 9.37 -17.95
CA ARG B 249 33.80 8.94 -18.61
C ARG B 249 33.55 7.57 -19.27
N ASP B 250 34.35 7.27 -20.29
CA ASP B 250 34.20 6.05 -21.07
C ASP B 250 34.83 4.83 -20.37
N TYR B 251 34.26 4.46 -19.22
CA TYR B 251 34.79 3.38 -18.40
C TYR B 251 34.72 2.03 -19.10
N THR B 252 35.73 1.20 -18.84
CA THR B 252 35.65 -0.21 -19.15
C THR B 252 34.71 -0.86 -18.14
N ILE B 253 34.32 -2.11 -18.38
CA ILE B 253 33.47 -2.82 -17.43
C ILE B 253 34.20 -2.96 -16.10
N LYS B 254 35.50 -3.25 -16.17
CA LYS B 254 36.32 -3.40 -14.98
C LYS B 254 36.31 -2.12 -14.14
N GLU B 255 36.57 -0.98 -14.80
CA GLU B 255 36.56 0.32 -14.13
C GLU B 255 35.17 0.60 -13.49
N PHE B 256 34.12 0.33 -14.26
CA PHE B 256 32.74 0.41 -13.79
C PHE B 256 32.56 -0.30 -12.45
N LEU B 257 32.98 -1.56 -12.39
CA LEU B 257 32.75 -2.39 -11.20
C LEU B 257 33.46 -1.84 -9.97
N VAL B 258 34.73 -1.46 -10.16
CA VAL B 258 35.56 -0.92 -9.07
C VAL B 258 35.06 0.42 -8.57
N ASN B 259 34.60 1.28 -9.49
CA ASN B 259 34.31 2.67 -9.16
C ASN B 259 32.86 2.95 -8.71
N GLU B 260 31.90 2.20 -9.23
CA GLU B 260 30.50 2.57 -9.08
C GLU B 260 29.81 1.84 -7.93
N PHE B 261 30.48 0.82 -7.39
CA PHE B 261 29.87 -0.05 -6.39
C PHE B 261 30.71 -0.04 -5.11
N GLN B 262 30.03 -0.25 -3.99
CA GLN B 262 30.69 -0.58 -2.73
C GLN B 262 31.23 -2.01 -2.80
N SER B 263 32.24 -2.30 -1.97
CA SER B 263 32.70 -3.67 -1.76
C SER B 263 33.26 -4.39 -2.99
N ILE B 264 33.66 -3.64 -4.02
CA ILE B 264 34.36 -4.25 -5.17
C ILE B 264 35.74 -3.61 -5.36
N GLY B 265 36.78 -4.31 -4.91
CA GLY B 265 38.15 -3.94 -5.25
C GLY B 265 38.57 -4.73 -6.48
N ASP B 266 39.70 -4.36 -7.09
CA ASP B 266 40.06 -4.87 -8.42
C ASP B 266 40.20 -6.41 -8.50
N THR B 267 40.51 -7.04 -7.37
CA THR B 267 40.56 -8.49 -7.28
C THR B 267 39.14 -9.10 -7.38
N THR B 268 38.20 -8.50 -6.67
CA THR B 268 36.79 -8.91 -6.73
C THR B 268 36.22 -8.69 -8.14
N ALA B 269 36.57 -7.57 -8.75
CA ALA B 269 36.11 -7.25 -10.09
C ALA B 269 36.56 -8.32 -11.09
N ASP B 270 37.84 -8.72 -11.00
CA ASP B 270 38.39 -9.78 -11.84
C ASP B 270 37.59 -11.09 -11.74
N LYS B 271 37.27 -11.49 -10.51
CA LYS B 271 36.46 -12.67 -10.24
C LYS B 271 35.03 -12.57 -10.79
N ILE B 272 34.45 -11.38 -10.72
CA ILE B 272 33.09 -11.17 -11.26
C ILE B 272 33.09 -11.18 -12.80
N LEU B 273 34.08 -10.52 -13.40
CA LEU B 273 34.19 -10.47 -14.86
C LEU B 273 34.36 -11.86 -15.47
N GLU B 274 35.13 -12.70 -14.78
CA GLU B 274 35.30 -14.10 -15.16
C GLU B 274 33.98 -14.87 -15.02
N LEU B 275 33.33 -14.74 -13.87
CA LEU B 275 32.05 -15.44 -13.64
C LEU B 275 30.97 -15.02 -14.65
N ALA B 276 30.91 -13.72 -14.94
CA ALA B 276 29.89 -13.20 -15.85
C ALA B 276 30.24 -13.40 -17.32
N GLY B 277 31.47 -13.83 -17.60
CA GLY B 277 31.93 -14.02 -18.96
C GLY B 277 32.04 -12.72 -19.74
N LEU B 278 32.51 -11.67 -19.07
CA LEU B 278 32.62 -10.36 -19.68
C LEU B 278 34.07 -9.92 -19.85
N LYS B 279 34.35 -9.23 -20.95
CA LYS B 279 35.69 -8.69 -21.22
C LYS B 279 36.02 -7.52 -20.30
N PRO B 280 37.12 -7.62 -19.56
CA PRO B 280 37.53 -6.56 -18.61
C PRO B 280 37.66 -5.21 -19.30
N ASN B 281 38.23 -5.21 -20.50
CA ASN B 281 38.57 -3.98 -21.21
C ASN B 281 37.48 -3.42 -22.12
N LYS B 282 36.38 -4.16 -22.27
CA LYS B 282 35.23 -3.66 -23.04
C LYS B 282 34.65 -2.40 -22.40
N LYS B 283 34.21 -1.47 -23.23
CA LYS B 283 33.54 -0.27 -22.76
C LYS B 283 32.13 -0.62 -22.26
N VAL B 284 31.84 -0.20 -21.03
CA VAL B 284 30.60 -0.55 -20.36
C VAL B 284 29.35 0.06 -21.04
N LYS B 285 29.53 1.20 -21.72
CA LYS B 285 28.43 1.81 -22.47
C LYS B 285 27.94 0.86 -23.59
N ASN B 286 28.74 -0.15 -23.91
CA ASN B 286 28.42 -1.09 -24.97
C ASN B 286 27.81 -2.42 -24.49
N LEU B 287 27.58 -2.54 -23.18
CA LEU B 287 26.93 -3.74 -22.64
C LEU B 287 25.63 -4.06 -23.37
N THR B 288 25.46 -5.30 -23.77
CA THR B 288 24.24 -5.72 -24.46
C THR B 288 23.19 -6.04 -23.39
N GLU B 289 21.93 -6.18 -23.81
CA GLU B 289 20.85 -6.52 -22.88
C GLU B 289 21.18 -7.81 -22.14
N GLU B 290 21.72 -8.78 -22.87
CA GLU B 290 22.08 -10.09 -22.33
C GLU B 290 23.26 -10.04 -21.37
N GLU B 291 24.25 -9.20 -21.69
CA GLU B 291 25.40 -9.00 -20.81
C GLU B 291 24.99 -8.42 -19.46
N ILE B 292 24.07 -7.45 -19.48
CA ILE B 292 23.54 -6.85 -18.26
C ILE B 292 22.83 -7.89 -17.40
N THR B 293 22.06 -8.77 -18.06
CA THR B 293 21.46 -9.89 -17.36
C THR B 293 22.50 -10.75 -16.62
N ARG B 294 23.58 -11.12 -17.32
CA ARG B 294 24.62 -11.99 -16.75
C ARG B 294 25.32 -11.30 -15.58
N LEU B 295 25.60 -10.01 -15.73
CA LEU B 295 26.19 -9.23 -14.63
C LEU B 295 25.31 -9.28 -13.39
N VAL B 296 24.03 -8.94 -13.57
CA VAL B 296 23.08 -8.94 -12.46
C VAL B 296 22.96 -10.33 -11.79
N GLU B 297 22.92 -11.40 -12.58
CA GLU B 297 22.85 -12.75 -12.03
C GLU B 297 24.12 -13.12 -11.27
N THR B 298 25.26 -12.68 -11.80
CA THR B 298 26.54 -12.92 -11.15
C THR B 298 26.59 -12.25 -9.78
N PHE B 299 26.21 -10.97 -9.74
CA PHE B 299 26.04 -10.26 -8.48
C PHE B 299 25.16 -11.04 -7.50
N LYS B 300 24.02 -11.56 -7.98
CA LYS B 300 23.08 -12.24 -7.10
C LYS B 300 23.65 -13.53 -6.52
N LYS B 301 24.46 -14.23 -7.31
CA LYS B 301 24.96 -15.54 -6.94
C LYS B 301 26.34 -15.51 -6.28
N TYR B 302 27.05 -14.40 -6.41
CA TYR B 302 28.43 -14.32 -5.87
C TYR B 302 28.40 -14.39 -4.35
N GLU B 303 29.21 -15.29 -3.80
CA GLU B 303 29.09 -15.66 -2.39
C GLU B 303 30.12 -14.99 -1.48
N ASP B 304 31.09 -14.31 -2.07
CA ASP B 304 32.18 -13.73 -1.29
C ASP B 304 32.26 -12.21 -1.39
N PHE B 305 31.10 -11.55 -1.42
CA PHE B 305 31.08 -10.10 -1.27
C PHE B 305 31.28 -9.76 0.20
N ARG B 306 32.16 -8.80 0.46
CA ARG B 306 32.24 -8.12 1.74
C ARG B 306 30.94 -7.34 1.98
N SER B 307 30.55 -7.19 3.25
CA SER B 307 29.38 -6.38 3.59
C SER B 307 29.61 -4.90 3.21
N PRO B 308 28.54 -4.15 3.01
CA PRO B 308 28.68 -2.69 2.81
C PRO B 308 29.22 -2.01 4.07
N SER B 309 29.66 -0.77 3.94
CA SER B 309 30.17 -0.02 5.08
C SER B 309 29.03 0.36 6.02
N ALA B 310 29.22 0.08 7.32
CA ALA B 310 28.25 0.47 8.36
C ALA B 310 28.07 1.98 8.40
N ASP B 311 29.12 2.72 8.02
CA ASP B 311 29.08 4.18 7.98
C ASP B 311 28.13 4.74 6.92
N SER B 312 27.59 3.88 6.05
CA SER B 312 26.56 4.26 5.08
C SER B 312 25.26 4.71 5.78
N LEU B 313 25.01 4.14 6.95
CA LEU B 313 23.73 4.24 7.62
C LEU B 313 23.83 4.96 8.97
N SER B 314 22.69 5.28 9.57
CA SER B 314 22.63 5.95 10.87
C SER B 314 21.77 5.13 11.82
N VAL B 315 22.42 4.47 12.77
CA VAL B 315 21.75 3.56 13.71
C VAL B 315 21.37 4.30 15.00
N ILE B 316 20.44 3.71 15.75
CA ILE B 316 20.11 4.18 17.10
C ILE B 316 21.23 3.83 18.07
N GLY B 317 21.75 2.60 17.93
CA GLY B 317 22.86 2.15 18.74
C GLY B 317 22.39 1.42 19.97
N GLU B 318 23.20 0.45 20.41
CA GLU B 318 22.82 -0.45 21.50
C GLU B 318 22.52 0.28 22.80
N ASP B 319 23.38 1.24 23.15
CA ASP B 319 23.24 1.92 24.44
C ASP B 319 21.92 2.68 24.49
N LEU B 320 21.62 3.43 23.44
CA LEU B 320 20.39 4.22 23.41
C LEU B 320 19.14 3.32 23.37
N ILE B 321 19.23 2.20 22.65
CA ILE B 321 18.10 1.27 22.60
C ILE B 321 17.80 0.75 24.01
N GLU B 322 18.84 0.30 24.70
CA GLU B 322 18.67 -0.24 26.04
C GLU B 322 18.16 0.81 27.01
N LEU B 323 18.73 2.02 26.94
CA LEU B 323 18.28 3.16 27.76
C LEU B 323 16.80 3.44 27.56
N GLY B 324 16.38 3.50 26.30
CA GLY B 324 14.98 3.72 25.97
C GLY B 324 14.06 2.64 26.52
N LEU B 325 14.45 1.38 26.37
CA LEU B 325 13.65 0.28 26.89
C LEU B 325 13.49 0.37 28.41
N LYS B 326 14.57 0.72 29.10
CA LYS B 326 14.59 0.81 30.55
C LYS B 326 13.70 1.97 31.03
N LYS B 327 13.74 3.08 30.29
CA LYS B 327 12.97 4.27 30.62
C LYS B 327 11.46 4.06 30.46
N ILE B 328 11.06 3.40 29.39
CA ILE B 328 9.64 3.15 29.15
C ILE B 328 9.09 2.08 30.10
N PHE B 329 9.82 0.98 30.28
CA PHE B 329 9.23 -0.25 30.82
C PHE B 329 9.69 -0.68 32.22
N ASN B 330 10.76 -0.06 32.71
CA ASN B 330 11.40 -0.47 33.98
C ASN B 330 11.50 -1.99 34.15
N PRO B 331 12.20 -2.66 33.23
CA PRO B 331 12.29 -4.12 33.23
C PRO B 331 13.38 -4.63 34.19
N ASP B 332 13.34 -5.92 34.48
CA ASP B 332 14.38 -6.59 35.25
C ASP B 332 15.62 -6.79 34.39
N PHE B 333 15.41 -6.92 33.07
CA PHE B 333 16.49 -7.25 32.15
C PHE B 333 16.27 -6.57 30.81
N ALA B 334 17.35 -6.06 30.23
CA ALA B 334 17.31 -5.56 28.87
C ALA B 334 18.60 -5.90 28.16
N ALA B 335 18.52 -6.15 26.86
CA ALA B 335 19.72 -6.30 26.04
C ALA B 335 19.41 -5.90 24.62
N SER B 336 20.45 -5.54 23.88
CA SER B 336 20.27 -5.13 22.49
C SER B 336 21.49 -5.50 21.66
N ILE B 337 21.31 -5.48 20.35
CA ILE B 337 22.39 -5.74 19.40
C ILE B 337 22.21 -4.83 18.19
N THR B 338 23.29 -4.21 17.76
CA THR B 338 23.37 -3.52 16.48
C THR B 338 24.15 -4.43 15.54
N ARG B 339 23.46 -5.08 14.60
CA ARG B 339 24.07 -6.11 13.76
C ARG B 339 24.99 -5.47 12.73
N LYS B 340 25.96 -6.24 12.24
CA LYS B 340 26.76 -5.79 11.08
C LYS B 340 25.84 -5.61 9.83
N PRO B 341 26.21 -4.69 8.94
CA PRO B 341 25.39 -4.40 7.76
C PRO B 341 25.22 -5.60 6.83
N LYS B 342 24.07 -5.66 6.18
CA LYS B 342 23.85 -6.60 5.10
C LYS B 342 23.39 -5.79 3.89
N ALA B 343 23.05 -6.46 2.79
CA ALA B 343 22.52 -5.78 1.61
C ALA B 343 21.28 -6.50 1.09
N TYR B 344 20.32 -5.75 0.57
CA TYR B 344 19.20 -6.33 -0.16
C TYR B 344 18.93 -5.47 -1.39
N GLN B 345 18.80 -6.11 -2.56
CA GLN B 345 18.45 -5.39 -3.79
C GLN B 345 19.35 -4.17 -4.02
N GLY B 346 20.62 -4.35 -3.71
CA GLY B 346 21.64 -3.33 -3.87
C GLY B 346 21.71 -2.28 -2.77
N HIS B 347 20.84 -2.40 -1.77
CA HIS B 347 20.74 -1.42 -0.68
C HIS B 347 21.40 -1.94 0.60
N PRO B 348 22.34 -1.18 1.17
CA PRO B 348 22.85 -1.50 2.51
C PRO B 348 21.73 -1.41 3.54
N PHE B 349 21.68 -2.34 4.47
CA PHE B 349 20.78 -2.20 5.62
C PHE B 349 21.39 -2.77 6.88
N ILE B 350 20.92 -2.27 8.01
CA ILE B 350 21.27 -2.81 9.34
C ILE B 350 20.00 -3.09 10.11
N VAL B 351 19.97 -4.25 10.77
CA VAL B 351 18.95 -4.53 11.75
C VAL B 351 19.52 -4.33 13.17
N GLU B 352 18.77 -3.60 14.00
CA GLU B 352 19.04 -3.56 15.43
C GLU B 352 17.88 -4.21 16.15
N ALA B 353 18.18 -4.93 17.23
CA ALA B 353 17.14 -5.63 17.96
C ALA B 353 17.34 -5.45 19.45
N GLY B 354 16.24 -5.27 20.17
CA GLY B 354 16.29 -5.13 21.61
C GLY B 354 15.27 -6.03 22.28
N VAL B 355 15.61 -6.52 23.46
CA VAL B 355 14.64 -7.27 24.25
C VAL B 355 14.63 -6.75 25.69
N ALA B 356 13.43 -6.67 26.27
CA ALA B 356 13.29 -6.39 27.69
C ALA B 356 12.35 -7.38 28.33
N PHE B 357 12.62 -7.74 29.59
CA PHE B 357 11.84 -8.73 30.32
C PHE B 357 11.57 -8.31 31.77
N GLY B 358 10.39 -8.64 32.27
CA GLY B 358 10.08 -8.50 33.70
C GLY B 358 9.84 -7.07 34.13
N GLY B 359 10.05 -6.80 35.42
CA GLY B 359 9.81 -5.47 35.99
C GLY B 359 8.40 -4.97 35.78
N SER B 360 8.27 -3.75 35.24
CA SER B 360 6.97 -3.11 35.06
C SER B 360 6.25 -3.43 33.73
N ILE B 361 6.85 -4.27 32.90
CA ILE B 361 6.18 -4.77 31.70
C ILE B 361 4.94 -5.58 32.13
N PRO B 362 3.80 -5.27 31.53
CA PRO B 362 2.54 -5.96 31.88
C PRO B 362 2.59 -7.43 31.48
N VAL B 363 1.85 -8.28 32.19
CA VAL B 363 1.69 -9.69 31.79
C VAL B 363 0.71 -9.78 30.62
N GLY B 364 1.06 -10.59 29.63
CA GLY B 364 0.22 -10.79 28.46
C GLY B 364 0.46 -12.13 27.81
N GLU B 365 -0.12 -12.34 26.63
CA GLU B 365 -0.06 -13.62 25.94
C GLU B 365 0.96 -13.60 24.80
N GLU B 366 1.35 -12.41 24.38
CA GLU B 366 2.35 -12.24 23.34
C GLU B 366 3.28 -11.12 23.76
N PRO B 367 4.44 -11.03 23.12
CA PRO B 367 5.35 -9.88 23.32
C PRO B 367 4.72 -8.56 22.89
N ILE B 368 5.09 -7.48 23.59
CA ILE B 368 4.89 -6.14 23.06
C ILE B 368 5.98 -5.92 22.02
N VAL B 369 5.59 -5.52 20.83
CA VAL B 369 6.54 -5.40 19.74
C VAL B 369 6.64 -3.94 19.30
N LEU B 370 7.86 -3.41 19.35
CA LEU B 370 8.13 -2.02 18.97
C LEU B 370 8.93 -1.99 17.68
N ARG B 371 8.30 -1.51 16.62
CA ARG B 371 8.93 -1.47 15.28
C ARG B 371 9.39 -0.05 14.95
N TYR B 372 10.59 0.05 14.37
CA TYR B 372 11.12 1.33 13.90
C TYR B 372 11.76 1.06 12.55
N ALA B 373 11.68 2.04 11.65
CA ALA B 373 12.34 1.95 10.35
C ALA B 373 12.90 3.32 9.98
N ASN B 374 14.18 3.35 9.60
CA ASN B 374 14.88 4.64 9.40
C ASN B 374 14.57 5.68 10.47
N LYS B 375 14.63 5.25 11.73
CA LYS B 375 14.47 6.11 12.89
C LYS B 375 13.04 6.66 13.07
N ILE B 376 12.09 6.05 12.38
CA ILE B 376 10.67 6.36 12.60
C ILE B 376 9.96 5.23 13.36
N PRO B 377 9.24 5.55 14.43
CA PRO B 377 8.40 4.54 15.09
C PRO B 377 7.19 4.22 14.23
N LEU B 378 6.99 2.92 14.00
CA LEU B 378 5.82 2.43 13.27
C LEU B 378 4.71 2.14 14.27
N ILE B 379 3.48 2.54 13.93
CA ILE B 379 2.37 2.49 14.87
C ILE B 379 1.15 1.67 14.38
N TYR B 380 0.81 1.81 13.10
CA TYR B 380 -0.35 1.14 12.53
C TYR B 380 0.06 -0.19 11.89
N ASP B 381 -0.93 -1.07 11.68
CA ASP B 381 -0.77 -2.28 10.85
C ASP B 381 0.32 -3.24 11.30
N GLU B 382 0.54 -3.33 12.59
CA GLU B 382 1.63 -4.14 13.11
C GLU B 382 1.58 -5.60 12.65
N LYS B 383 0.39 -6.19 12.59
CA LYS B 383 0.24 -7.62 12.36
C LYS B 383 0.57 -8.07 10.94
N SER B 384 0.66 -7.12 10.03
CA SER B 384 0.98 -7.40 8.64
C SER B 384 2.45 -7.14 8.38
N ASP B 385 3.16 -6.66 9.39
CA ASP B 385 4.55 -6.28 9.22
C ASP B 385 5.44 -7.54 9.24
N VAL B 386 6.48 -7.53 8.41
CA VAL B 386 7.46 -8.63 8.39
C VAL B 386 8.11 -8.85 9.77
N ILE B 387 8.31 -7.78 10.52
CA ILE B 387 8.85 -7.89 11.88
C ILE B 387 7.94 -8.76 12.74
N TRP B 388 6.64 -8.45 12.71
CA TRP B 388 5.65 -9.23 13.47
C TRP B 388 5.67 -10.70 13.05
N LYS B 389 5.72 -10.94 11.73
CA LYS B 389 5.82 -12.28 11.20
C LYS B 389 6.98 -13.07 11.85
N VAL B 390 8.16 -12.45 11.89
CA VAL B 390 9.35 -13.11 12.45
C VAL B 390 9.18 -13.32 13.96
N VAL B 391 8.69 -12.30 14.67
CA VAL B 391 8.52 -12.42 16.13
C VAL B 391 7.55 -13.57 16.46
N GLU B 392 6.45 -13.62 15.72
CA GLU B 392 5.40 -14.61 15.91
C GLU B 392 5.88 -16.04 15.61
N GLU B 393 6.72 -16.18 14.58
CA GLU B 393 7.17 -17.48 14.11
C GLU B 393 8.34 -18.03 14.94
N LEU B 394 8.99 -17.17 15.70
CA LEU B 394 10.07 -17.58 16.58
C LEU B 394 9.53 -18.43 17.74
N ASP B 395 10.18 -19.55 18.01
CA ASP B 395 9.79 -20.37 19.17
C ASP B 395 10.49 -19.89 20.43
N TRP B 396 9.77 -19.08 21.20
CA TRP B 396 10.30 -18.45 22.40
C TRP B 396 10.59 -19.46 23.53
N LYS B 397 9.99 -20.65 23.41
CA LYS B 397 10.26 -21.75 24.35
C LYS B 397 11.74 -22.18 24.31
N ARG B 398 12.38 -22.00 23.16
CA ARG B 398 13.79 -22.33 22.98
C ARG B 398 14.71 -21.35 23.72
N TYR B 399 14.14 -20.24 24.17
CA TYR B 399 14.92 -19.15 24.76
C TYR B 399 14.47 -18.83 26.18
N GLY B 400 13.77 -19.77 26.80
CA GLY B 400 13.48 -19.69 28.23
C GLY B 400 12.05 -19.36 28.62
N ILE B 401 11.21 -19.01 27.65
CA ILE B 401 9.81 -18.68 27.96
C ILE B 401 8.92 -19.93 27.97
N GLU B 402 8.59 -20.39 29.18
CA GLU B 402 7.92 -21.69 29.34
C GLU B 402 6.41 -21.52 29.53
N SER B 403 6.01 -20.51 30.31
CA SER B 403 4.59 -20.21 30.52
C SER B 403 3.95 -19.55 29.30
N ASP B 404 2.63 -19.62 29.21
CA ASP B 404 1.87 -19.00 28.13
C ASP B 404 1.73 -17.49 28.36
N GLN B 405 1.79 -17.09 29.63
CA GLN B 405 1.75 -15.69 30.02
C GLN B 405 3.13 -15.25 30.49
N TYR B 406 3.56 -14.05 30.06
CA TYR B 406 4.91 -13.54 30.32
C TYR B 406 5.05 -12.05 29.99
N GLN B 407 6.06 -11.41 30.56
CA GLN B 407 6.28 -9.99 30.39
C GLN B 407 7.51 -9.72 29.52
N MET B 408 7.28 -9.56 28.21
CA MET B 408 8.38 -9.33 27.27
C MET B 408 8.11 -8.17 26.32
N VAL B 409 9.15 -7.37 26.06
CA VAL B 409 9.14 -6.37 25.00
C VAL B 409 10.21 -6.71 23.98
N VAL B 410 9.84 -6.66 22.71
CA VAL B 410 10.80 -6.87 21.63
C VAL B 410 10.81 -5.60 20.77
N MET B 411 12.00 -5.11 20.48
CA MET B 411 12.14 -3.92 19.66
C MET B 411 12.99 -4.27 18.44
N VAL B 412 12.56 -3.83 17.26
CA VAL B 412 13.33 -4.02 16.03
C VAL B 412 13.40 -2.70 15.27
N HIS B 413 14.62 -2.33 14.87
CA HIS B 413 14.81 -1.18 14.03
C HIS B 413 15.51 -1.63 12.78
N LEU B 414 14.92 -1.32 11.63
CA LEU B 414 15.54 -1.53 10.34
C LEU B 414 15.94 -0.17 9.78
N CYS B 415 17.20 -0.03 9.37
CA CYS B 415 17.59 1.18 8.66
C CYS B 415 18.28 0.86 7.36
N SER B 416 18.05 1.69 6.34
CA SER B 416 18.56 1.40 5.00
C SER B 416 18.57 2.68 4.17
N THR B 417 19.29 2.65 3.05
CA THR B 417 19.09 3.64 2.02
C THR B 417 17.67 3.55 1.42
N LYS B 418 17.03 2.39 1.58
CA LYS B 418 15.64 2.20 1.17
C LYS B 418 14.89 1.21 2.09
N ILE B 419 13.87 1.69 2.80
CA ILE B 419 12.96 0.80 3.49
C ILE B 419 11.88 0.40 2.50
N PRO B 420 11.67 -0.90 2.32
CA PRO B 420 10.60 -1.39 1.44
C PRO B 420 9.29 -1.49 2.24
N TYR B 421 8.52 -0.42 2.21
CA TYR B 421 7.21 -0.41 2.86
C TYR B 421 6.12 -1.11 2.01
N LYS B 422 5.09 -1.60 2.68
CA LYS B 422 3.95 -2.23 2.01
C LYS B 422 3.08 -1.23 1.27
N SER B 423 3.07 0.01 1.76
CA SER B 423 2.31 1.08 1.09
C SER B 423 3.01 2.42 1.28
N ALA B 424 2.62 3.41 0.49
CA ALA B 424 3.22 4.74 0.62
C ALA B 424 2.86 5.47 1.93
N GLY B 425 1.89 4.94 2.66
CA GLY B 425 1.62 5.38 4.02
C GLY B 425 2.68 4.99 5.06
N LYS B 426 3.64 4.16 4.65
CA LYS B 426 4.84 3.83 5.46
C LYS B 426 4.60 3.37 6.90
N GLU B 427 3.69 2.44 7.12
CA GLU B 427 3.49 1.97 8.49
C GLU B 427 3.84 0.52 8.71
N SER B 428 4.16 -0.19 7.63
CA SER B 428 4.61 -1.58 7.77
C SER B 428 5.61 -1.97 6.69
N ILE B 429 6.52 -2.87 7.05
CA ILE B 429 7.60 -3.29 6.16
C ILE B 429 7.21 -4.54 5.40
N ALA B 430 7.52 -4.56 4.10
CA ALA B 430 7.18 -5.66 3.20
C ALA B 430 8.01 -6.91 3.43
N GLU B 431 7.53 -8.02 2.91
CA GLU B 431 8.22 -9.30 3.04
C GLU B 431 9.34 -9.42 2.01
N VAL B 432 10.51 -8.91 2.37
CA VAL B 432 11.69 -9.03 1.52
C VAL B 432 12.58 -10.10 2.18
N GLU B 433 12.91 -11.19 1.49
CA GLU B 433 13.55 -12.31 2.20
C GLU B 433 14.89 -12.01 2.85
N ASP B 434 15.76 -11.22 2.22
CA ASP B 434 17.06 -10.93 2.86
C ASP B 434 16.85 -10.19 4.19
N ILE B 435 15.84 -9.33 4.23
CA ILE B 435 15.53 -8.55 5.43
C ILE B 435 14.89 -9.44 6.50
N GLU B 436 13.91 -10.26 6.09
CA GLU B 436 13.28 -11.22 6.99
C GLU B 436 14.32 -12.12 7.66
N LYS B 437 15.23 -12.69 6.87
CA LYS B 437 16.31 -13.54 7.39
C LYS B 437 17.17 -12.85 8.46
N GLU B 438 17.60 -11.63 8.16
CA GLU B 438 18.44 -10.88 9.08
C GLU B 438 17.68 -10.42 10.33
N ILE B 439 16.40 -10.06 10.19
CA ILE B 439 15.58 -9.79 11.37
C ILE B 439 15.51 -11.01 12.32
N LYS B 440 15.29 -12.19 11.75
CA LYS B 440 15.28 -13.44 12.53
C LYS B 440 16.63 -13.66 13.20
N ASN B 441 17.70 -13.51 12.43
CA ASN B 441 19.06 -13.69 12.97
C ASN B 441 19.37 -12.76 14.13
N ALA B 442 18.98 -11.49 14.00
CA ALA B 442 19.17 -10.50 15.04
C ALA B 442 18.35 -10.81 16.29
N LEU B 443 17.10 -11.21 16.08
CA LEU B 443 16.21 -11.57 17.18
C LEU B 443 16.77 -12.77 17.94
N MET B 444 17.26 -13.77 17.20
CA MET B 444 17.87 -14.95 17.80
C MET B 444 19.09 -14.57 18.67
N GLU B 445 19.93 -13.68 18.15
CA GLU B 445 21.08 -13.19 18.93
C GLU B 445 20.70 -12.57 20.27
N VAL B 446 19.70 -11.69 20.32
CA VAL B 446 19.28 -11.11 21.61
C VAL B 446 18.50 -12.09 22.46
N ALA B 447 17.74 -12.98 21.82
CA ALA B 447 16.99 -14.01 22.53
C ALA B 447 17.92 -14.94 23.31
N ARG B 448 19.09 -15.19 22.75
CA ARG B 448 20.14 -15.97 23.42
C ARG B 448 20.57 -15.31 24.73
N LYS B 449 20.70 -13.99 24.71
CA LYS B 449 21.02 -13.24 25.93
C LYS B 449 19.89 -13.35 26.96
N LEU B 450 18.65 -13.32 26.48
CA LEU B 450 17.48 -13.50 27.32
C LEU B 450 17.49 -14.88 27.97
N LYS B 451 17.75 -15.91 27.15
CA LYS B 451 17.85 -17.29 27.61
C LYS B 451 18.78 -17.39 28.81
N GLN B 452 19.94 -16.76 28.69
CA GLN B 452 20.95 -16.70 29.74
C GLN B 452 20.39 -16.08 31.03
N TYR B 453 19.76 -14.91 30.89
CA TYR B 453 19.11 -14.26 32.03
C TYR B 453 18.06 -15.16 32.68
N LEU B 454 17.19 -15.74 31.86
CA LEU B 454 16.09 -16.56 32.38
C LEU B 454 16.59 -17.87 33.03
N SER B 455 17.71 -18.39 32.53
CA SER B 455 18.35 -19.58 33.11
C SER B 455 18.83 -19.32 34.53
N GLU B 456 19.57 -18.22 34.71
CA GLU B 456 20.10 -17.83 36.01
C GLU B 456 18.99 -17.48 36.99
N LYS B 457 17.96 -16.77 36.49
CA LYS B 457 16.80 -16.41 37.29
C LYS B 457 16.05 -17.65 37.78
N ARG B 458 15.95 -18.66 36.92
CA ARG B 458 15.29 -19.93 37.25
C ARG B 458 16.04 -20.69 38.35
N LYS B 459 17.36 -20.72 38.24
CA LYS B 459 18.21 -21.37 39.23
C LYS B 459 18.12 -20.70 40.60
N GLU B 460 18.02 -19.37 40.60
CA GLU B 460 17.94 -18.58 41.83
C GLU B 460 16.63 -18.78 42.59
N GLN B 461 15.55 -19.08 41.87
CA GLN B 461 14.24 -19.28 42.49
C GLN B 461 14.19 -20.41 43.54
N GLU B 462 15.32 -21.10 43.72
CA GLU B 462 15.45 -22.14 44.74
C GLU B 462 16.77 -22.01 45.50
MG MG C . -5.32 -5.09 -14.29
AL ALF D . -5.04 -3.02 -11.93
F1 ALF D . -4.11 -3.89 -13.18
F2 ALF D . -5.98 -2.18 -10.65
F3 ALF D . -6.21 -4.37 -11.95
F4 ALF D . -3.81 -1.72 -11.83
S SO4 E . -36.70 12.99 -5.03
O1 SO4 E . -36.80 14.43 -5.24
O2 SO4 E . -37.51 12.61 -3.89
O3 SO4 E . -37.16 12.31 -6.24
O4 SO4 E . -35.31 12.63 -4.78
PB ADP F . -6.15 -2.26 -14.74
O1B ADP F . -6.59 -3.66 -14.94
O2B ADP F . -7.06 -1.21 -15.46
O3B ADP F . -6.08 -1.96 -13.25
PA ADP F . -3.80 -3.10 -16.19
O1A ADP F . -3.82 -4.49 -15.72
O2A ADP F . -2.38 -2.48 -16.21
O3A ADP F . -4.69 -2.06 -15.34
O5' ADP F . -4.40 -3.07 -17.68
C5' ADP F . -4.54 -1.86 -18.40
C4' ADP F . -5.78 -1.95 -19.30
O4' ADP F . -5.50 -2.91 -20.30
C3' ADP F . -7.04 -2.47 -18.60
O3' ADP F . -7.80 -1.45 -17.98
C2' ADP F . -7.81 -3.11 -19.75
O2' ADP F . -8.50 -2.13 -20.50
C1' ADP F . -6.69 -3.60 -20.65
N9 ADP F . -6.45 -5.05 -20.54
C8 ADP F . -5.43 -5.68 -19.87
N7 ADP F . -5.53 -7.03 -20.07
C5 ADP F . -6.60 -7.26 -20.88
C6 ADP F . -7.18 -8.43 -21.39
N6 ADP F . -6.77 -9.65 -21.02
N1 ADP F . -8.27 -8.32 -22.20
C2 ADP F . -8.83 -7.08 -22.51
N3 ADP F . -8.26 -5.92 -21.99
C4 ADP F . -7.18 -6.02 -21.18
MG MG G . 8.16 13.95 3.21
AL ALF H . 7.76 10.98 1.72
F1 ALF H . 6.76 10.98 0.21
F2 ALF H . 8.69 10.92 3.24
F3 ALF H . 8.40 9.37 1.27
F4 ALF H . 7.14 12.57 2.23
MG MG I . 16.67 6.50 0.71
PB ADP J . 9.54 13.33 0.69
O1B ADP J . 9.76 13.78 2.09
O2B ADP J . 10.79 13.55 -0.17
O3B ADP J . 9.14 11.85 0.69
PA ADP J . 7.56 15.39 0.61
O1A ADP J . 7.19 15.25 2.03
O2A ADP J . 6.34 15.51 -0.34
O3A ADP J . 8.39 14.16 0.02
O5' ADP J . 8.52 16.68 0.45
C5' ADP J . 9.06 17.00 -0.82
C4' ADP J . 10.42 17.65 -0.62
O4' ADP J . 10.25 18.92 0.00
C3' ADP J . 11.34 16.85 0.31
O3' ADP J . 12.06 15.86 -0.39
C2' ADP J . 12.23 17.93 0.91
O2' ADP J . 13.32 18.23 0.03
C1' ADP J . 11.34 19.16 0.90
N9 ADP J . 10.78 19.50 2.23
C8 ADP J . 9.51 19.27 2.67
N7 ADP J . 9.38 19.81 3.91
C5 ADP J . 10.54 20.41 4.25
C6 ADP J . 10.99 21.13 5.38
N6 ADP J . 10.30 21.16 6.53
N1 ADP J . 12.27 21.64 5.40
C2 ADP J . 13.09 21.44 4.32
N3 ADP J . 12.66 20.72 3.23
C4 ADP J . 11.42 20.22 3.19
#